data_2AWV
# 
_entry.id   2AWV 
# 
_audit_conform.dict_name       mmcif_pdbx.dic 
_audit_conform.dict_version    5.392 
_audit_conform.dict_location   http://mmcif.pdb.org/dictionaries/ascii/mmcif_pdbx.dic 
# 
loop_
_database_2.database_id 
_database_2.database_code 
_database_2.pdbx_database_accession 
_database_2.pdbx_DOI 
PDB   2AWV         pdb_00002awv 10.2210/pdb2awv/pdb 
RCSB  RCSB034409   ?            ?                   
WWPDB D_1000034409 ?            ?                   
# 
loop_
_pdbx_audit_revision_history.ordinal 
_pdbx_audit_revision_history.data_content_type 
_pdbx_audit_revision_history.major_revision 
_pdbx_audit_revision_history.minor_revision 
_pdbx_audit_revision_history.revision_date 
1 'Structure model' 1 0 2005-09-20 
2 'Structure model' 1 1 2008-05-01 
3 'Structure model' 1 2 2011-07-13 
4 'Structure model' 1 3 2022-03-09 
5 'Structure model' 1 4 2024-05-29 
# 
_pdbx_audit_revision_details.ordinal             1 
_pdbx_audit_revision_details.revision_ordinal    1 
_pdbx_audit_revision_details.data_content_type   'Structure model' 
_pdbx_audit_revision_details.provider            repository 
_pdbx_audit_revision_details.type                'Initial release' 
_pdbx_audit_revision_details.description         ? 
_pdbx_audit_revision_details.details             ? 
# 
loop_
_pdbx_audit_revision_group.ordinal 
_pdbx_audit_revision_group.revision_ordinal 
_pdbx_audit_revision_group.data_content_type 
_pdbx_audit_revision_group.group 
1 2 'Structure model' 'Version format compliance' 
2 3 'Structure model' 'Version format compliance' 
3 4 'Structure model' 'Data collection'           
4 4 'Structure model' 'Database references'       
5 4 'Structure model' 'Derived calculations'      
6 5 'Structure model' 'Data collection'           
# 
loop_
_pdbx_audit_revision_category.ordinal 
_pdbx_audit_revision_category.revision_ordinal 
_pdbx_audit_revision_category.data_content_type 
_pdbx_audit_revision_category.category 
1 4 'Structure model' database_2            
2 4 'Structure model' pdbx_nmr_software     
3 4 'Structure model' pdbx_struct_assembly  
4 4 'Structure model' pdbx_struct_oper_list 
5 4 'Structure model' struct_conn           
6 5 'Structure model' chem_comp_atom        
7 5 'Structure model' chem_comp_bond        
# 
loop_
_pdbx_audit_revision_item.ordinal 
_pdbx_audit_revision_item.revision_ordinal 
_pdbx_audit_revision_item.data_content_type 
_pdbx_audit_revision_item.item 
1 4 'Structure model' '_database_2.pdbx_DOI'                
2 4 'Structure model' '_database_2.pdbx_database_accession' 
3 4 'Structure model' '_pdbx_nmr_software.name'             
4 4 'Structure model' '_struct_conn.pdbx_leaving_atom_flag' 
# 
_pdbx_database_status.status_code                     REL 
_pdbx_database_status.entry_id                        2AWV 
_pdbx_database_status.recvd_initial_deposition_date   2005-09-02 
_pdbx_database_status.deposit_site                    RCSB 
_pdbx_database_status.process_site                    PDBJ 
_pdbx_database_status.status_code_sf                  ? 
_pdbx_database_status.status_code_mr                  REL 
_pdbx_database_status.SG_entry                        ? 
_pdbx_database_status.pdb_format_compatible           Y 
_pdbx_database_status.status_code_cs                  ? 
_pdbx_database_status.status_code_nmr_data            ? 
_pdbx_database_status.methods_development_category    ? 
# 
loop_
_pdbx_database_related.db_name 
_pdbx_database_related.db_id 
_pdbx_database_related.details 
_pdbx_database_related.content_type 
PDB 1Q2T 'i-motif structurewithcomparable organisation' unspecified 
PDB 1RME 'i-motif structurewithcomparable organisation' unspecified 
# 
loop_
_audit_author.name 
_audit_author.pdbx_ordinal 
'Canalia, M.'  1 
'Leroy, J.-L.' 2 
# 
_citation.id                        primary 
_citation.title                     
'Structure, internal motions and association-dissociation kinetics of the i-motif dimer of d(5mCCTCACTCC).' 
_citation.journal_abbrev            'Nucleic Acids Res.' 
_citation.journal_volume            33 
_citation.page_first                5471 
_citation.page_last                 5481 
_citation.year                      2005 
_citation.journal_id_ASTM           NARHAD 
_citation.country                   UK 
_citation.journal_id_ISSN           0305-1048 
_citation.journal_id_CSD            0389 
_citation.book_publisher            ? 
_citation.pdbx_database_id_PubMed   16204453 
_citation.pdbx_database_id_DOI      10.1093/nar/gki843 
# 
loop_
_citation_author.citation_id 
_citation_author.name 
_citation_author.ordinal 
_citation_author.identifier_ORCID 
primary 'Canalia, M.'  1 ? 
primary 'Leroy, J.-L.' 2 ? 
# 
_entity.id                         1 
_entity.type                       polymer 
_entity.src_method                 syn 
_entity.pdbx_description           "5'-D(*(MCY)P*CP*TP*CP*AP*CP*TP*CP*C)-3'" 
_entity.formula_weight             2545.773 
_entity.pdbx_number_of_molecules   2 
_entity.pdbx_ec                    ? 
_entity.pdbx_mutation              ? 
_entity.pdbx_fragment              ? 
_entity.details                    ? 
# 
_entity_poly.entity_id                      1 
_entity_poly.type                           polydeoxyribonucleotide 
_entity_poly.nstd_linkage                   no 
_entity_poly.nstd_monomer                   yes 
_entity_poly.pdbx_seq_one_letter_code       '(MCY)(DC)(DT)(DC)(DA)(DC)(DT)(DC)(DC)' 
_entity_poly.pdbx_seq_one_letter_code_can   CCTCACTCC 
_entity_poly.pdbx_strand_id                 A,B 
_entity_poly.pdbx_target_identifier         ? 
# 
loop_
_entity_poly_seq.entity_id 
_entity_poly_seq.num 
_entity_poly_seq.mon_id 
_entity_poly_seq.hetero 
1 1 MCY n 
1 2 DC  n 
1 3 DT  n 
1 4 DC  n 
1 5 DA  n 
1 6 DC  n 
1 7 DT  n 
1 8 DC  n 
1 9 DC  n 
# 
_pdbx_entity_src_syn.entity_id              1 
_pdbx_entity_src_syn.pdbx_src_id            1 
_pdbx_entity_src_syn.pdbx_alt_source_flag   sample 
_pdbx_entity_src_syn.pdbx_beg_seq_num       ? 
_pdbx_entity_src_syn.pdbx_end_seq_num       ? 
_pdbx_entity_src_syn.organism_scientific    ? 
_pdbx_entity_src_syn.organism_common_name   ? 
_pdbx_entity_src_syn.ncbi_taxonomy_id       ? 
_pdbx_entity_src_syn.details                'chemicaly synthetized using the phosphoramidite method' 
# 
loop_
_chem_comp.id 
_chem_comp.type 
_chem_comp.mon_nstd_flag 
_chem_comp.name 
_chem_comp.pdbx_synonyms 
_chem_comp.formula 
_chem_comp.formula_weight 
DA  'DNA linking' y "2'-DEOXYADENOSINE-5'-MONOPHOSPHATE" ? 'C10 H14 N5 O6 P' 331.222 
DC  'DNA linking' y "2'-DEOXYCYTIDINE-5'-MONOPHOSPHATE"  ? 'C9 H14 N3 O7 P'  307.197 
DT  'DNA linking' y "THYMIDINE-5'-MONOPHOSPHATE"         ? 'C10 H15 N2 O8 P' 322.208 
MCY 'DNA linking' n "5-METHYL-2'-DEOXYCYTIDINE"          ? 'C10 H15 N3 O4'   241.244 
# 
loop_
_pdbx_poly_seq_scheme.asym_id 
_pdbx_poly_seq_scheme.entity_id 
_pdbx_poly_seq_scheme.seq_id 
_pdbx_poly_seq_scheme.mon_id 
_pdbx_poly_seq_scheme.ndb_seq_num 
_pdbx_poly_seq_scheme.pdb_seq_num 
_pdbx_poly_seq_scheme.auth_seq_num 
_pdbx_poly_seq_scheme.pdb_mon_id 
_pdbx_poly_seq_scheme.auth_mon_id 
_pdbx_poly_seq_scheme.pdb_strand_id 
_pdbx_poly_seq_scheme.pdb_ins_code 
_pdbx_poly_seq_scheme.hetero 
A 1 1 MCY 1 1 1 MCY CYT A . n 
A 1 2 DC  2 2 2 DC  C   A . n 
A 1 3 DT  3 3 3 DT  T   A . n 
A 1 4 DC  4 4 4 DC  C   A . n 
A 1 5 DA  5 5 5 DA  A   A . n 
A 1 6 DC  6 6 6 DC  C   A . n 
A 1 7 DT  7 7 7 DT  T   A . n 
A 1 8 DC  8 8 8 DC  C   A . n 
A 1 9 DC  9 9 9 DC  C   A . n 
B 1 1 MCY 1 1 1 MCY CYT B . n 
B 1 2 DC  2 2 2 DC  C   B . n 
B 1 3 DT  3 3 3 DT  T   B . n 
B 1 4 DC  4 4 4 DC  C   B . n 
B 1 5 DA  5 5 5 DA  A   B . n 
B 1 6 DC  6 6 6 DC  C   B . n 
B 1 7 DT  7 7 7 DT  T   B . n 
B 1 8 DC  8 8 8 DC  C   B . n 
B 1 9 DC  9 9 9 DC  C   B . n 
# 
_exptl.entry_id          2AWV 
_exptl.method            'SOLUTION NMR' 
_exptl.crystals_number   ? 
# 
_struct.entry_id                  2AWV 
_struct.title                     'NMR Structural Analysis of the dimer of 5MCCTCATCC' 
_struct.pdbx_model_details        ? 
_struct.pdbx_CASP_flag            ? 
_struct.pdbx_model_type_details   ? 
# 
_struct_keywords.entry_id        2AWV 
_struct_keywords.pdbx_keywords   DNA 
_struct_keywords.text            'i-motif, hemiprotonated CC+ pairs, dimer, DNA' 
# 
loop_
_struct_asym.id 
_struct_asym.pdbx_blank_PDB_chainid_flag 
_struct_asym.pdbx_modified 
_struct_asym.entity_id 
_struct_asym.details 
A N N 1 ? 
B N N 1 ? 
# 
_struct_ref.id                         1 
_struct_ref.entity_id                  1 
_struct_ref.db_name                    PDB 
_struct_ref.db_code                    2AWV 
_struct_ref.pdbx_db_accession          2AWV 
_struct_ref.pdbx_db_isoform            ? 
_struct_ref.pdbx_seq_one_letter_code   ? 
_struct_ref.pdbx_align_begin           ? 
# 
loop_
_struct_ref_seq.align_id 
_struct_ref_seq.ref_id 
_struct_ref_seq.pdbx_PDB_id_code 
_struct_ref_seq.pdbx_strand_id 
_struct_ref_seq.seq_align_beg 
_struct_ref_seq.pdbx_seq_align_beg_ins_code 
_struct_ref_seq.seq_align_end 
_struct_ref_seq.pdbx_seq_align_end_ins_code 
_struct_ref_seq.pdbx_db_accession 
_struct_ref_seq.db_align_beg 
_struct_ref_seq.pdbx_db_align_beg_ins_code 
_struct_ref_seq.db_align_end 
_struct_ref_seq.pdbx_db_align_end_ins_code 
_struct_ref_seq.pdbx_auth_seq_align_beg 
_struct_ref_seq.pdbx_auth_seq_align_end 
1 1 2AWV A 1 ? 9 ? 2AWV 1 ? 9 ? 1 9 
2 1 2AWV B 1 ? 9 ? 2AWV 1 ? 9 ? 1 9 
# 
_pdbx_struct_assembly.id                   1 
_pdbx_struct_assembly.details              author_defined_assembly 
_pdbx_struct_assembly.method_details       ? 
_pdbx_struct_assembly.oligomeric_details   dimeric 
_pdbx_struct_assembly.oligomeric_count     2 
# 
_pdbx_struct_assembly_gen.assembly_id       1 
_pdbx_struct_assembly_gen.oper_expression   1 
_pdbx_struct_assembly_gen.asym_id_list      A,B 
# 
_pdbx_struct_oper_list.id                   1 
_pdbx_struct_oper_list.type                 'identity operation' 
_pdbx_struct_oper_list.name                 1_555 
_pdbx_struct_oper_list.symmetry_operation   x,y,z 
_pdbx_struct_oper_list.matrix[1][1]         1.0000000000 
_pdbx_struct_oper_list.matrix[1][2]         0.0000000000 
_pdbx_struct_oper_list.matrix[1][3]         0.0000000000 
_pdbx_struct_oper_list.vector[1]            0.0000000000 
_pdbx_struct_oper_list.matrix[2][1]         0.0000000000 
_pdbx_struct_oper_list.matrix[2][2]         1.0000000000 
_pdbx_struct_oper_list.matrix[2][3]         0.0000000000 
_pdbx_struct_oper_list.vector[2]            0.0000000000 
_pdbx_struct_oper_list.matrix[3][1]         0.0000000000 
_pdbx_struct_oper_list.matrix[3][2]         0.0000000000 
_pdbx_struct_oper_list.matrix[3][3]         1.0000000000 
_pdbx_struct_oper_list.vector[3]            0.0000000000 
# 
_struct_biol.id   1 
# 
loop_
_struct_conn.id 
_struct_conn.conn_type_id 
_struct_conn.pdbx_leaving_atom_flag 
_struct_conn.pdbx_PDB_id 
_struct_conn.ptnr1_label_asym_id 
_struct_conn.ptnr1_label_comp_id 
_struct_conn.ptnr1_label_seq_id 
_struct_conn.ptnr1_label_atom_id 
_struct_conn.pdbx_ptnr1_label_alt_id 
_struct_conn.pdbx_ptnr1_PDB_ins_code 
_struct_conn.pdbx_ptnr1_standard_comp_id 
_struct_conn.ptnr1_symmetry 
_struct_conn.ptnr2_label_asym_id 
_struct_conn.ptnr2_label_comp_id 
_struct_conn.ptnr2_label_seq_id 
_struct_conn.ptnr2_label_atom_id 
_struct_conn.pdbx_ptnr2_label_alt_id 
_struct_conn.pdbx_ptnr2_PDB_ins_code 
_struct_conn.ptnr1_auth_asym_id 
_struct_conn.ptnr1_auth_comp_id 
_struct_conn.ptnr1_auth_seq_id 
_struct_conn.ptnr2_auth_asym_id 
_struct_conn.ptnr2_auth_comp_id 
_struct_conn.ptnr2_auth_seq_id 
_struct_conn.ptnr2_symmetry 
_struct_conn.pdbx_ptnr3_label_atom_id 
_struct_conn.pdbx_ptnr3_label_seq_id 
_struct_conn.pdbx_ptnr3_label_comp_id 
_struct_conn.pdbx_ptnr3_label_asym_id 
_struct_conn.pdbx_ptnr3_label_alt_id 
_struct_conn.pdbx_ptnr3_PDB_ins_code 
_struct_conn.details 
_struct_conn.pdbx_dist_value 
_struct_conn.pdbx_value_order 
_struct_conn.pdbx_role 
covale1  covale both ? A MCY 1 "O3'" ? ? ? 1_555 A DC  2 P  ? ? A MCY 1 A DC  2 1_555 ? ? ? ? ? ? ?               1.615 ? ? 
covale2  covale both ? B MCY 1 "O3'" ? ? ? 1_555 B DC  2 P  ? ? B MCY 1 B DC  2 1_555 ? ? ? ? ? ? ?               1.615 ? ? 
hydrog1  hydrog ?    ? A MCY 1 N3    ? ? ? 1_555 B MCY 1 N4 ? ? A MCY 1 B MCY 1 1_555 ? ? ? ? ? ? TYPE_14_PAIR    ?     ? ? 
hydrog2  hydrog ?    ? A MCY 1 N4    ? ? ? 1_555 B MCY 1 N3 ? ? A MCY 1 B MCY 1 1_555 ? ? ? ? ? ? TYPE_14_PAIR    ?     ? ? 
hydrog3  hydrog ?    ? A DC  2 N3    ? ? ? 1_555 B DC  2 N4 ? ? A DC  2 B DC  2 1_555 ? ? ? ? ? ? TYPE_14_PAIR    ?     ? ? 
hydrog4  hydrog ?    ? A DC  2 N4    ? ? ? 1_555 B DC  2 N3 ? ? A DC  2 B DC  2 1_555 ? ? ? ? ? ? TYPE_14_PAIR    ?     ? ? 
hydrog5  hydrog ?    ? A DC  2 N4    ? ? ? 1_555 B DT  7 O4 ? ? A DC  2 B DT  7 1_555 ? ? ? ? ? ? 'DC-DT MISPAIR' ?     ? ? 
hydrog6  hydrog ?    ? A DC  4 N4    ? ? ? 1_555 B DC  4 O2 ? ? A DC  4 B DC  4 1_555 ? ? ? ? ? ? TYPE_15_PAIR    ?     ? ? 
hydrog7  hydrog ?    ? A DC  4 O2    ? ? ? 1_555 B DC  4 N4 ? ? A DC  4 B DC  4 1_555 ? ? ? ? ? ? TYPE_15_PAIR    ?     ? ? 
hydrog8  hydrog ?    ? A DC  6 N4    ? ? ? 1_555 B DC  6 O2 ? ? A DC  6 B DC  6 1_555 ? ? ? ? ? ? TYPE_15_PAIR    ?     ? ? 
hydrog9  hydrog ?    ? A DC  6 O2    ? ? ? 1_555 B DC  6 N4 ? ? A DC  6 B DC  6 1_555 ? ? ? ? ? ? TYPE_15_PAIR    ?     ? ? 
hydrog10 hydrog ?    ? A DT  7 O4    ? ? ? 1_555 B DC  2 N4 ? ? A DT  7 B DC  2 1_555 ? ? ? ? ? ? 'DT-DC MISPAIR' ?     ? ? 
hydrog11 hydrog ?    ? A DT  7 N3    ? ? ? 1_555 B DT  7 O4 ? ? A DT  7 B DT  7 1_555 ? ? ? ? ? ? TYPE_12_PAIR    ?     ? ? 
hydrog12 hydrog ?    ? A DT  7 O4    ? ? ? 1_555 B DT  7 N3 ? ? A DT  7 B DT  7 1_555 ? ? ? ? ? ? TYPE_12_PAIR    ?     ? ? 
hydrog13 hydrog ?    ? A DC  8 N4    ? ? ? 1_555 B DC  8 O2 ? ? A DC  8 B DC  8 1_555 ? ? ? ? ? ? TYPE_15_PAIR    ?     ? ? 
hydrog14 hydrog ?    ? A DC  8 O2    ? ? ? 1_555 B DC  8 N4 ? ? A DC  8 B DC  8 1_555 ? ? ? ? ? ? TYPE_15_PAIR    ?     ? ? 
hydrog15 hydrog ?    ? A DC  9 N4    ? ? ? 1_555 B DC  9 O2 ? ? A DC  9 B DC  9 1_555 ? ? ? ? ? ? TYPE_15_PAIR    ?     ? ? 
hydrog16 hydrog ?    ? A DC  9 O2    ? ? ? 1_555 B DC  9 N4 ? ? A DC  9 B DC  9 1_555 ? ? ? ? ? ? TYPE_15_PAIR    ?     ? ? 
# 
loop_
_struct_conn_type.id 
_struct_conn_type.criteria 
_struct_conn_type.reference 
covale ? ? 
hydrog ? ? 
# 
loop_
_pdbx_validate_close_contact.id 
_pdbx_validate_close_contact.PDB_model_num 
_pdbx_validate_close_contact.auth_atom_id_1 
_pdbx_validate_close_contact.auth_asym_id_1 
_pdbx_validate_close_contact.auth_comp_id_1 
_pdbx_validate_close_contact.auth_seq_id_1 
_pdbx_validate_close_contact.PDB_ins_code_1 
_pdbx_validate_close_contact.label_alt_id_1 
_pdbx_validate_close_contact.auth_atom_id_2 
_pdbx_validate_close_contact.auth_asym_id_2 
_pdbx_validate_close_contact.auth_comp_id_2 
_pdbx_validate_close_contact.auth_seq_id_2 
_pdbx_validate_close_contact.PDB_ins_code_2 
_pdbx_validate_close_contact.label_alt_id_2 
_pdbx_validate_close_contact.dist 
1 1 H41 A DC 2 ? ? N3  B DC 2 ? ? 1.43 
2 1 O4  A DT 7 ? ? H3  B DT 7 ? ? 1.54 
3 1 N3  A DC 2 ? ? H41 B DC 2 ? ? 1.54 
4 1 H3  A DT 7 ? ? O4  B DT 7 ? ? 1.58 
# 
loop_
_pdbx_validate_rmsd_angle.id 
_pdbx_validate_rmsd_angle.PDB_model_num 
_pdbx_validate_rmsd_angle.auth_atom_id_1 
_pdbx_validate_rmsd_angle.auth_asym_id_1 
_pdbx_validate_rmsd_angle.auth_comp_id_1 
_pdbx_validate_rmsd_angle.auth_seq_id_1 
_pdbx_validate_rmsd_angle.PDB_ins_code_1 
_pdbx_validate_rmsd_angle.label_alt_id_1 
_pdbx_validate_rmsd_angle.auth_atom_id_2 
_pdbx_validate_rmsd_angle.auth_asym_id_2 
_pdbx_validate_rmsd_angle.auth_comp_id_2 
_pdbx_validate_rmsd_angle.auth_seq_id_2 
_pdbx_validate_rmsd_angle.PDB_ins_code_2 
_pdbx_validate_rmsd_angle.label_alt_id_2 
_pdbx_validate_rmsd_angle.auth_atom_id_3 
_pdbx_validate_rmsd_angle.auth_asym_id_3 
_pdbx_validate_rmsd_angle.auth_comp_id_3 
_pdbx_validate_rmsd_angle.auth_seq_id_3 
_pdbx_validate_rmsd_angle.PDB_ins_code_3 
_pdbx_validate_rmsd_angle.label_alt_id_3 
_pdbx_validate_rmsd_angle.angle_value 
_pdbx_validate_rmsd_angle.angle_target_value 
_pdbx_validate_rmsd_angle.angle_deviation 
_pdbx_validate_rmsd_angle.angle_standard_deviation 
_pdbx_validate_rmsd_angle.linker_flag 
1  1 "O4'" A DT 3 ? ? "C1'" A DT 3 ? ? N1 A DT 3 ? ? 110.91 108.30 2.61 0.30 N 
2  1 "O4'" A DC 4 ? ? "C1'" A DC 4 ? ? N1 A DC 4 ? ? 112.33 108.30 4.03 0.30 N 
3  1 "O4'" A DA 5 ? ? "C1'" A DA 5 ? ? N9 A DA 5 ? ? 111.41 108.30 3.11 0.30 N 
4  1 N7    A DA 5 ? ? C8    A DA 5 ? ? N9 A DA 5 ? ? 117.37 113.80 3.57 0.50 N 
5  1 "O4'" A DC 6 ? ? "C1'" A DC 6 ? ? N1 A DC 6 ? ? 112.79 108.30 4.49 0.30 N 
6  1 "O4'" A DT 7 ? ? "C1'" A DT 7 ? ? N1 A DT 7 ? ? 112.97 108.30 4.67 0.30 N 
7  1 "O4'" A DC 8 ? ? "C1'" A DC 8 ? ? N1 A DC 8 ? ? 112.00 108.30 3.70 0.30 N 
8  1 "O4'" A DC 9 ? ? "C1'" A DC 9 ? ? N1 A DC 9 ? ? 110.29 108.30 1.99 0.30 N 
9  1 "O4'" B DT 3 ? ? "C1'" B DT 3 ? ? N1 B DT 3 ? ? 110.90 108.30 2.60 0.30 N 
10 1 "O4'" B DC 4 ? ? "C1'" B DC 4 ? ? N1 B DC 4 ? ? 112.35 108.30 4.05 0.30 N 
11 1 "O4'" B DA 5 ? ? "C1'" B DA 5 ? ? N9 B DA 5 ? ? 111.42 108.30 3.12 0.30 N 
12 1 N7    B DA 5 ? ? C8    B DA 5 ? ? N9 B DA 5 ? ? 117.44 113.80 3.64 0.50 N 
13 1 "O4'" B DC 6 ? ? "C1'" B DC 6 ? ? N1 B DC 6 ? ? 112.94 108.30 4.64 0.30 N 
14 1 "O4'" B DT 7 ? ? "C1'" B DT 7 ? ? N1 B DT 7 ? ? 113.02 108.30 4.72 0.30 N 
15 1 "O4'" B DC 8 ? ? "C1'" B DC 8 ? ? N1 B DC 8 ? ? 111.98 108.30 3.68 0.30 N 
16 1 "O4'" B DC 9 ? ? "C1'" B DC 9 ? ? N1 B DC 9 ? ? 110.24 108.30 1.94 0.30 N 
# 
loop_
_pdbx_struct_mod_residue.id 
_pdbx_struct_mod_residue.label_asym_id 
_pdbx_struct_mod_residue.label_comp_id 
_pdbx_struct_mod_residue.label_seq_id 
_pdbx_struct_mod_residue.auth_asym_id 
_pdbx_struct_mod_residue.auth_comp_id 
_pdbx_struct_mod_residue.auth_seq_id 
_pdbx_struct_mod_residue.PDB_ins_code 
_pdbx_struct_mod_residue.parent_comp_id 
_pdbx_struct_mod_residue.details 
1 A MCY 1 A MCY 1 ? DC "5-METHYL-2'-DEOXYCYTIDINE" 
2 B MCY 1 B MCY 1 ? DC "5-METHYL-2'-DEOXYCYTIDINE" 
# 
_pdbx_nmr_ensemble.entry_id                                      2AWV 
_pdbx_nmr_ensemble.conformers_calculated_total_number            10 
_pdbx_nmr_ensemble.conformers_submitted_total_number             1 
_pdbx_nmr_ensemble.conformer_selection_criteria                  'back calculated data agree with experimental NOESY spectrum' 
_pdbx_nmr_ensemble.average_constraints_per_residue               ? 
_pdbx_nmr_ensemble.average_constraint_violations_per_residue     ? 
_pdbx_nmr_ensemble.maximum_distance_constraint_violation         ? 
_pdbx_nmr_ensemble.average_distance_constraint_violation         ? 
_pdbx_nmr_ensemble.maximum_upper_distance_constraint_violation   ? 
_pdbx_nmr_ensemble.maximum_lower_distance_constraint_violation   ? 
_pdbx_nmr_ensemble.distance_constraint_violation_method          ? 
_pdbx_nmr_ensemble.maximum_torsion_angle_constraint_violation    ? 
_pdbx_nmr_ensemble.average_torsion_angle_constraint_violation    ? 
_pdbx_nmr_ensemble.torsion_angle_constraint_violation_method     ? 
# 
_pdbx_nmr_representative.entry_id             2AWV 
_pdbx_nmr_representative.conformer_id         1 
_pdbx_nmr_representative.selection_criteria   'lowest energy' 
# 
_pdbx_nmr_sample_details.solution_id      1 
_pdbx_nmr_sample_details.contents         'strand concentration: 0.1 to 10mM' 
_pdbx_nmr_sample_details.solvent_system   '90% H2O/10% D2O' 
# 
_pdbx_nmr_exptl_sample_conditions.conditions_id       1 
_pdbx_nmr_exptl_sample_conditions.temperature         278 
_pdbx_nmr_exptl_sample_conditions.pressure            1 
_pdbx_nmr_exptl_sample_conditions.pH                  4.5 
_pdbx_nmr_exptl_sample_conditions.ionic_strength      '1 Na / phosphate' 
_pdbx_nmr_exptl_sample_conditions.pressure_units      atm 
_pdbx_nmr_exptl_sample_conditions.temperature_units   K 
# 
loop_
_pdbx_nmr_exptl.experiment_id 
_pdbx_nmr_exptl.conditions_id 
_pdbx_nmr_exptl.type 
_pdbx_nmr_exptl.solution_id 
1 1 '2D NOESY'    1 
2 1 E-COSY        1 
3 1 '1H-31P COSY' 1 
# 
_pdbx_nmr_details.entry_id   2AWV 
_pdbx_nmr_details.text       'This structure was determined using standard 2D homonuclear and heteronuclear techniques' 
# 
_pdbx_nmr_refine.entry_id           2AWV 
_pdbx_nmr_refine.method             'simulated annealing' 
_pdbx_nmr_refine.details            
;the structure is based on 565 NOE-derived, distance constraints, 17 dihedral angle restraints, 20 distance restraints from hydrogen bonds.
;
_pdbx_nmr_refine.software_ordinal   1 
# 
loop_
_pdbx_nmr_software.classification 
_pdbx_nmr_software.name 
_pdbx_nmr_software.version 
_pdbx_nmr_software.authors 
_pdbx_nmr_software.ordinal 
processing           Felix  97.2  'Hare D.'                                1 
'structure solution' X-PLOR 3.851 'Brunger A'                              2 
'data analysis'      MOLMOL 2.4   'Koradi,R.,Billeter, M and W  trich, K.' 3 
refinement           X-PLOR 3.851 ?                                        4 
# 
loop_
_chem_comp_atom.comp_id 
_chem_comp_atom.atom_id 
_chem_comp_atom.type_symbol 
_chem_comp_atom.pdbx_aromatic_flag 
_chem_comp_atom.pdbx_stereo_config 
_chem_comp_atom.pdbx_ordinal 
DA  OP3    O N N 1   
DA  P      P N N 2   
DA  OP1    O N N 3   
DA  OP2    O N N 4   
DA  "O5'"  O N N 5   
DA  "C5'"  C N N 6   
DA  "C4'"  C N R 7   
DA  "O4'"  O N N 8   
DA  "C3'"  C N S 9   
DA  "O3'"  O N N 10  
DA  "C2'"  C N N 11  
DA  "C1'"  C N R 12  
DA  N9     N Y N 13  
DA  C8     C Y N 14  
DA  N7     N Y N 15  
DA  C5     C Y N 16  
DA  C6     C Y N 17  
DA  N6     N N N 18  
DA  N1     N Y N 19  
DA  C2     C Y N 20  
DA  N3     N Y N 21  
DA  C4     C Y N 22  
DA  HOP3   H N N 23  
DA  HOP2   H N N 24  
DA  "H5'"  H N N 25  
DA  "H5''" H N N 26  
DA  "H4'"  H N N 27  
DA  "H3'"  H N N 28  
DA  "HO3'" H N N 29  
DA  "H2'"  H N N 30  
DA  "H2''" H N N 31  
DA  "H1'"  H N N 32  
DA  H8     H N N 33  
DA  H61    H N N 34  
DA  H62    H N N 35  
DA  H2     H N N 36  
DC  OP3    O N N 37  
DC  P      P N N 38  
DC  OP1    O N N 39  
DC  OP2    O N N 40  
DC  "O5'"  O N N 41  
DC  "C5'"  C N N 42  
DC  "C4'"  C N R 43  
DC  "O4'"  O N N 44  
DC  "C3'"  C N S 45  
DC  "O3'"  O N N 46  
DC  "C2'"  C N N 47  
DC  "C1'"  C N R 48  
DC  N1     N N N 49  
DC  C2     C N N 50  
DC  O2     O N N 51  
DC  N3     N N N 52  
DC  C4     C N N 53  
DC  N4     N N N 54  
DC  C5     C N N 55  
DC  C6     C N N 56  
DC  HOP3   H N N 57  
DC  HOP2   H N N 58  
DC  "H5'"  H N N 59  
DC  "H5''" H N N 60  
DC  "H4'"  H N N 61  
DC  "H3'"  H N N 62  
DC  "HO3'" H N N 63  
DC  "H2'"  H N N 64  
DC  "H2''" H N N 65  
DC  "H1'"  H N N 66  
DC  H41    H N N 67  
DC  H42    H N N 68  
DC  H5     H N N 69  
DC  H6     H N N 70  
DT  OP3    O N N 71  
DT  P      P N N 72  
DT  OP1    O N N 73  
DT  OP2    O N N 74  
DT  "O5'"  O N N 75  
DT  "C5'"  C N N 76  
DT  "C4'"  C N R 77  
DT  "O4'"  O N N 78  
DT  "C3'"  C N S 79  
DT  "O3'"  O N N 80  
DT  "C2'"  C N N 81  
DT  "C1'"  C N R 82  
DT  N1     N N N 83  
DT  C2     C N N 84  
DT  O2     O N N 85  
DT  N3     N N N 86  
DT  C4     C N N 87  
DT  O4     O N N 88  
DT  C5     C N N 89  
DT  C7     C N N 90  
DT  C6     C N N 91  
DT  HOP3   H N N 92  
DT  HOP2   H N N 93  
DT  "H5'"  H N N 94  
DT  "H5''" H N N 95  
DT  "H4'"  H N N 96  
DT  "H3'"  H N N 97  
DT  "HO3'" H N N 98  
DT  "H2'"  H N N 99  
DT  "H2''" H N N 100 
DT  "H1'"  H N N 101 
DT  H3     H N N 102 
DT  H71    H N N 103 
DT  H72    H N N 104 
DT  H73    H N N 105 
DT  H6     H N N 106 
MCY N1     N N N 107 
MCY C2     C N N 108 
MCY N3     N N N 109 
MCY C4     C N N 110 
MCY C5     C N N 111 
MCY C6     C N N 112 
MCY O2     O N N 113 
MCY N4     N N N 114 
MCY "C1'"  C N R 115 
MCY "C2'"  C N N 116 
MCY "C3'"  C N S 117 
MCY "C4'"  C N R 118 
MCY "O4'"  O N N 119 
MCY "O3'"  O N N 120 
MCY "C5'"  C N N 121 
MCY "O5'"  O N N 122 
MCY C5A    C N N 123 
MCY H6     H N N 124 
MCY HN41   H N N 125 
MCY HN42   H N N 126 
MCY "H1'"  H N N 127 
MCY "H2'"  H N N 128 
MCY "H2''" H N N 129 
MCY "H3'"  H N N 130 
MCY "H4'"  H N N 131 
MCY "HO3'" H N N 132 
MCY "H5'"  H N N 133 
MCY "H5''" H N N 134 
MCY "HO5'" H N N 135 
MCY H5A1   H N N 136 
MCY H5A2   H N N 137 
MCY H5A3   H N N 138 
# 
loop_
_chem_comp_bond.comp_id 
_chem_comp_bond.atom_id_1 
_chem_comp_bond.atom_id_2 
_chem_comp_bond.value_order 
_chem_comp_bond.pdbx_aromatic_flag 
_chem_comp_bond.pdbx_stereo_config 
_chem_comp_bond.pdbx_ordinal 
DA  OP3   P      sing N N 1   
DA  OP3   HOP3   sing N N 2   
DA  P     OP1    doub N N 3   
DA  P     OP2    sing N N 4   
DA  P     "O5'"  sing N N 5   
DA  OP2   HOP2   sing N N 6   
DA  "O5'" "C5'"  sing N N 7   
DA  "C5'" "C4'"  sing N N 8   
DA  "C5'" "H5'"  sing N N 9   
DA  "C5'" "H5''" sing N N 10  
DA  "C4'" "O4'"  sing N N 11  
DA  "C4'" "C3'"  sing N N 12  
DA  "C4'" "H4'"  sing N N 13  
DA  "O4'" "C1'"  sing N N 14  
DA  "C3'" "O3'"  sing N N 15  
DA  "C3'" "C2'"  sing N N 16  
DA  "C3'" "H3'"  sing N N 17  
DA  "O3'" "HO3'" sing N N 18  
DA  "C2'" "C1'"  sing N N 19  
DA  "C2'" "H2'"  sing N N 20  
DA  "C2'" "H2''" sing N N 21  
DA  "C1'" N9     sing N N 22  
DA  "C1'" "H1'"  sing N N 23  
DA  N9    C8     sing Y N 24  
DA  N9    C4     sing Y N 25  
DA  C8    N7     doub Y N 26  
DA  C8    H8     sing N N 27  
DA  N7    C5     sing Y N 28  
DA  C5    C6     sing Y N 29  
DA  C5    C4     doub Y N 30  
DA  C6    N6     sing N N 31  
DA  C6    N1     doub Y N 32  
DA  N6    H61    sing N N 33  
DA  N6    H62    sing N N 34  
DA  N1    C2     sing Y N 35  
DA  C2    N3     doub Y N 36  
DA  C2    H2     sing N N 37  
DA  N3    C4     sing Y N 38  
DC  OP3   P      sing N N 39  
DC  OP3   HOP3   sing N N 40  
DC  P     OP1    doub N N 41  
DC  P     OP2    sing N N 42  
DC  P     "O5'"  sing N N 43  
DC  OP2   HOP2   sing N N 44  
DC  "O5'" "C5'"  sing N N 45  
DC  "C5'" "C4'"  sing N N 46  
DC  "C5'" "H5'"  sing N N 47  
DC  "C5'" "H5''" sing N N 48  
DC  "C4'" "O4'"  sing N N 49  
DC  "C4'" "C3'"  sing N N 50  
DC  "C4'" "H4'"  sing N N 51  
DC  "O4'" "C1'"  sing N N 52  
DC  "C3'" "O3'"  sing N N 53  
DC  "C3'" "C2'"  sing N N 54  
DC  "C3'" "H3'"  sing N N 55  
DC  "O3'" "HO3'" sing N N 56  
DC  "C2'" "C1'"  sing N N 57  
DC  "C2'" "H2'"  sing N N 58  
DC  "C2'" "H2''" sing N N 59  
DC  "C1'" N1     sing N N 60  
DC  "C1'" "H1'"  sing N N 61  
DC  N1    C2     sing N N 62  
DC  N1    C6     sing N N 63  
DC  C2    O2     doub N N 64  
DC  C2    N3     sing N N 65  
DC  N3    C4     doub N N 66  
DC  C4    N4     sing N N 67  
DC  C4    C5     sing N N 68  
DC  N4    H41    sing N N 69  
DC  N4    H42    sing N N 70  
DC  C5    C6     doub N N 71  
DC  C5    H5     sing N N 72  
DC  C6    H6     sing N N 73  
DT  OP3   P      sing N N 74  
DT  OP3   HOP3   sing N N 75  
DT  P     OP1    doub N N 76  
DT  P     OP2    sing N N 77  
DT  P     "O5'"  sing N N 78  
DT  OP2   HOP2   sing N N 79  
DT  "O5'" "C5'"  sing N N 80  
DT  "C5'" "C4'"  sing N N 81  
DT  "C5'" "H5'"  sing N N 82  
DT  "C5'" "H5''" sing N N 83  
DT  "C4'" "O4'"  sing N N 84  
DT  "C4'" "C3'"  sing N N 85  
DT  "C4'" "H4'"  sing N N 86  
DT  "O4'" "C1'"  sing N N 87  
DT  "C3'" "O3'"  sing N N 88  
DT  "C3'" "C2'"  sing N N 89  
DT  "C3'" "H3'"  sing N N 90  
DT  "O3'" "HO3'" sing N N 91  
DT  "C2'" "C1'"  sing N N 92  
DT  "C2'" "H2'"  sing N N 93  
DT  "C2'" "H2''" sing N N 94  
DT  "C1'" N1     sing N N 95  
DT  "C1'" "H1'"  sing N N 96  
DT  N1    C2     sing N N 97  
DT  N1    C6     sing N N 98  
DT  C2    O2     doub N N 99  
DT  C2    N3     sing N N 100 
DT  N3    C4     sing N N 101 
DT  N3    H3     sing N N 102 
DT  C4    O4     doub N N 103 
DT  C4    C5     sing N N 104 
DT  C5    C7     sing N N 105 
DT  C5    C6     doub N N 106 
DT  C7    H71    sing N N 107 
DT  C7    H72    sing N N 108 
DT  C7    H73    sing N N 109 
DT  C6    H6     sing N N 110 
MCY N1    C2     sing N N 111 
MCY N1    C6     sing N N 112 
MCY N1    "C1'"  sing N N 113 
MCY C2    N3     sing N N 114 
MCY C2    O2     doub N N 115 
MCY N3    C4     doub N N 116 
MCY C4    C5     sing N N 117 
MCY C4    N4     sing N N 118 
MCY C5    C6     doub N N 119 
MCY C5    C5A    sing N N 120 
MCY C6    H6     sing N N 121 
MCY N4    HN41   sing N N 122 
MCY N4    HN42   sing N N 123 
MCY "C1'" "C2'"  sing N N 124 
MCY "C1'" "O4'"  sing N N 125 
MCY "C1'" "H1'"  sing N N 126 
MCY "C2'" "C3'"  sing N N 127 
MCY "C2'" "H2'"  sing N N 128 
MCY "C2'" "H2''" sing N N 129 
MCY "C3'" "C4'"  sing N N 130 
MCY "C3'" "O3'"  sing N N 131 
MCY "C3'" "H3'"  sing N N 132 
MCY "C4'" "O4'"  sing N N 133 
MCY "C4'" "C5'"  sing N N 134 
MCY "C4'" "H4'"  sing N N 135 
MCY "O3'" "HO3'" sing N N 136 
MCY "C5'" "O5'"  sing N N 137 
MCY "C5'" "H5'"  sing N N 138 
MCY "C5'" "H5''" sing N N 139 
MCY "O5'" "HO5'" sing N N 140 
MCY C5A   H5A1   sing N N 141 
MCY C5A   H5A2   sing N N 142 
MCY C5A   H5A3   sing N N 143 
# 
loop_
_ndb_struct_conf_na.entry_id 
_ndb_struct_conf_na.feature 
2AWV 'double helix'         
2AWV 'parallel strands'     
2AWV 'mismatched base pair' 
2AWV 'internal loop'        
# 
loop_
_ndb_struct_na_base_pair.model_number 
_ndb_struct_na_base_pair.i_label_asym_id 
_ndb_struct_na_base_pair.i_label_comp_id 
_ndb_struct_na_base_pair.i_label_seq_id 
_ndb_struct_na_base_pair.i_symmetry 
_ndb_struct_na_base_pair.j_label_asym_id 
_ndb_struct_na_base_pair.j_label_comp_id 
_ndb_struct_na_base_pair.j_label_seq_id 
_ndb_struct_na_base_pair.j_symmetry 
_ndb_struct_na_base_pair.shear 
_ndb_struct_na_base_pair.stretch 
_ndb_struct_na_base_pair.stagger 
_ndb_struct_na_base_pair.buckle 
_ndb_struct_na_base_pair.propeller 
_ndb_struct_na_base_pair.opening 
_ndb_struct_na_base_pair.pair_number 
_ndb_struct_na_base_pair.pair_name 
_ndb_struct_na_base_pair.i_auth_asym_id 
_ndb_struct_na_base_pair.i_auth_seq_id 
_ndb_struct_na_base_pair.i_PDB_ins_code 
_ndb_struct_na_base_pair.j_auth_asym_id 
_ndb_struct_na_base_pair.j_auth_seq_id 
_ndb_struct_na_base_pair.j_PDB_ins_code 
_ndb_struct_na_base_pair.hbond_type_28 
_ndb_struct_na_base_pair.hbond_type_12 
1 A DC  4 1_555 B DC  4 1_555 2.470  2.198  0.004  15.171  1.316   179.986  1 A_DC4:DC4_B   A 4 ? B 4 ? 15 2 
1 A DC  6 1_555 B DC  6 1_555 -2.328 -2.127 -0.011 4.883   13.315  -179.985 2 A_DC6:DC6_B   A 6 ? B 6 ? 15 2 
1 A DT  7 1_555 B DT  7 1_555 2.178  -2.294 0.053  -5.963  7.585   179.866  3 A_DT7:DT7_B   A 7 ? B 7 ? 12 2 
1 A DC  2 1_555 B DC  2 1_555 2.226  -0.442 -0.085 -6.668  -30.320 179.527  4 A_DC2:DC2_B   A 2 ? B 2 ? 14 2 
1 A DC  8 1_555 B DC  8 1_555 2.329  2.076  -0.029 -14.472 -1.014  179.892  5 A_DC8:DC8_B   A 8 ? B 8 ? 15 2 
1 A MCY 1 1_555 B MCY 1 1_555 -2.120 -0.105 -0.004 -5.567  -15.619 -179.892 6 A_MCY1:MCY1_B A 1 ? B 1 ? 14 2 
1 A DC  9 1_555 B DC  9 1_555 2.488  2.111  -0.006 -15.077 5.434   179.968  7 A_DC9:DC9_B   A 9 ? B 9 ? 15 2 
# 
loop_
_ndb_struct_na_base_pair_step.model_number 
_ndb_struct_na_base_pair_step.i_label_asym_id_1 
_ndb_struct_na_base_pair_step.i_label_comp_id_1 
_ndb_struct_na_base_pair_step.i_label_seq_id_1 
_ndb_struct_na_base_pair_step.i_symmetry_1 
_ndb_struct_na_base_pair_step.j_label_asym_id_1 
_ndb_struct_na_base_pair_step.j_label_comp_id_1 
_ndb_struct_na_base_pair_step.j_label_seq_id_1 
_ndb_struct_na_base_pair_step.j_symmetry_1 
_ndb_struct_na_base_pair_step.i_label_asym_id_2 
_ndb_struct_na_base_pair_step.i_label_comp_id_2 
_ndb_struct_na_base_pair_step.i_label_seq_id_2 
_ndb_struct_na_base_pair_step.i_symmetry_2 
_ndb_struct_na_base_pair_step.j_label_asym_id_2 
_ndb_struct_na_base_pair_step.j_label_comp_id_2 
_ndb_struct_na_base_pair_step.j_label_seq_id_2 
_ndb_struct_na_base_pair_step.j_symmetry_2 
_ndb_struct_na_base_pair_step.shift 
_ndb_struct_na_base_pair_step.slide 
_ndb_struct_na_base_pair_step.rise 
_ndb_struct_na_base_pair_step.tilt 
_ndb_struct_na_base_pair_step.roll 
_ndb_struct_na_base_pair_step.twist 
_ndb_struct_na_base_pair_step.x_displacement 
_ndb_struct_na_base_pair_step.y_displacement 
_ndb_struct_na_base_pair_step.helical_rise 
_ndb_struct_na_base_pair_step.inclination 
_ndb_struct_na_base_pair_step.tip 
_ndb_struct_na_base_pair_step.helical_twist 
_ndb_struct_na_base_pair_step.step_number 
_ndb_struct_na_base_pair_step.step_name 
_ndb_struct_na_base_pair_step.i_auth_asym_id_1 
_ndb_struct_na_base_pair_step.i_auth_seq_id_1 
_ndb_struct_na_base_pair_step.i_PDB_ins_code_1 
_ndb_struct_na_base_pair_step.j_auth_asym_id_1 
_ndb_struct_na_base_pair_step.j_auth_seq_id_1 
_ndb_struct_na_base_pair_step.j_PDB_ins_code_1 
_ndb_struct_na_base_pair_step.i_auth_asym_id_2 
_ndb_struct_na_base_pair_step.i_auth_seq_id_2 
_ndb_struct_na_base_pair_step.i_PDB_ins_code_2 
_ndb_struct_na_base_pair_step.j_auth_asym_id_2 
_ndb_struct_na_base_pair_step.j_auth_seq_id_2 
_ndb_struct_na_base_pair_step.j_PDB_ins_code_2 
1 A DC  4 1_555 B DC  4 1_555 A DC  6 1_555 B DC  6 1_555 2.579  1.974  -0.001 -109.286 142.853  122.726  0.987  -1.289 -0.001 
71.433  54.648  179.934  1 AA_DC4DC6:DC6DC4_BB   A 4 ? B 4 ? A 6 ? B 6 ? 
1 A DC  6 1_555 B DC  6 1_555 A DT  7 1_555 B DT  7 1_555 0.006  0.008  3.174  0.396    -0.075   174.738  0.004  -0.003 3.174  
-0.037  -0.198  174.738  2 AA_DC6DT7:DT7DC6_BB   A 6 ? B 6 ? A 7 ? B 7 ? 
1 A DT  7 1_555 B DT  7 1_555 A DC  2 1_555 B DC  2 1_555 1.948  -1.087 0.041  -85.960  -156.976 -0.193   0.554  0.969  -0.018 
78.939  -43.227 -178.971 3 AA_DT7DC2:DC2DT7_BB   A 7 ? B 7 ? A 2 ? B 2 ? 
1 A DC  2 1_555 B DC  2 1_555 A DC  8 1_555 B DC  8 1_555 2.646  -3.119 0.011  136.866  115.872  83.923   -1.563 -1.319 0.011  
58.008  -68.518 179.500  4 AA_DC2DC8:DC8DC2_BB   A 2 ? B 2 ? A 8 ? B 8 ? 
1 A DC  8 1_555 B DC  8 1_555 A MCY 1 1_555 B MCY 1 1_555 -2.316 -2.588 0.003  -133.907 119.774  -112.130 1.293  -1.158 0.002  
-59.906 -66.975 -179.809 5 AA_DC8MCY1:MCY1DC8_BB A 8 ? B 8 ? A 1 ? B 1 ? 
1 A MCY 1 1_555 B MCY 1 1_555 A DC  9 1_555 B DC  9 1_555 -1.937 -1.332 -0.002 102.057  -148.037 98.008   -0.667 0.968  -0.003 
-74.038 -51.042 179.873  6 AA_MCY1DC9:DC9MCY1_BB A 1 ? B 1 ? A 9 ? B 9 ? 
# 
_pdbx_nmr_spectrometer.spectrometer_id   1 
_pdbx_nmr_spectrometer.model             INOVA 
_pdbx_nmr_spectrometer.manufacturer      Varian 
_pdbx_nmr_spectrometer.field_strength    500 
_pdbx_nmr_spectrometer.type              ? 
# 
_atom_sites.entry_id                    2AWV 
_atom_sites.fract_transf_matrix[1][1]   1.000000 
_atom_sites.fract_transf_matrix[1][2]   0.000000 
_atom_sites.fract_transf_matrix[1][3]   0.000000 
_atom_sites.fract_transf_matrix[2][1]   0.000000 
_atom_sites.fract_transf_matrix[2][2]   1.000000 
_atom_sites.fract_transf_matrix[2][3]   0.000000 
_atom_sites.fract_transf_matrix[3][1]   0.000000 
_atom_sites.fract_transf_matrix[3][2]   0.000000 
_atom_sites.fract_transf_matrix[3][3]   1.000000 
_atom_sites.fract_transf_vector[1]      0.00000 
_atom_sites.fract_transf_vector[2]      0.00000 
_atom_sites.fract_transf_vector[3]      0.00000 
# 
loop_
_atom_type.symbol 
C 
H 
N 
O 
P 
# 
loop_
_atom_site.group_PDB 
_atom_site.id 
_atom_site.type_symbol 
_atom_site.label_atom_id 
_atom_site.label_alt_id 
_atom_site.label_comp_id 
_atom_site.label_asym_id 
_atom_site.label_entity_id 
_atom_site.label_seq_id 
_atom_site.pdbx_PDB_ins_code 
_atom_site.Cartn_x 
_atom_site.Cartn_y 
_atom_site.Cartn_z 
_atom_site.occupancy 
_atom_site.B_iso_or_equiv 
_atom_site.pdbx_formal_charge 
_atom_site.auth_seq_id 
_atom_site.auth_comp_id 
_atom_site.auth_asym_id 
_atom_site.auth_atom_id 
_atom_site.pdbx_PDB_model_num 
HETATM 1   N N1     . MCY A 1 1 ? 2.856   -6.748  5.399   1.00 0.00 ? 1 MCY A N1     1 
HETATM 2   C C2     . MCY A 1 1 ? 1.938   -7.378  4.596   1.00 0.00 ? 1 MCY A C2     1 
HETATM 3   N N3     . MCY A 1 1 ? 0.631   -7.183  4.870   1.00 0.00 ? 1 MCY A N3     1 
HETATM 4   C C4     . MCY A 1 1 ? 0.233   -6.404  5.887   1.00 0.00 ? 1 MCY A C4     1 
HETATM 5   C C5     . MCY A 1 1 ? 1.148   -5.800  6.678   1.00 0.00 ? 1 MCY A C5     1 
HETATM 6   C C6     . MCY A 1 1 ? 2.453   -5.971  6.432   1.00 0.00 ? 1 MCY A C6     1 
HETATM 7   O O2     . MCY A 1 1 ? 2.307   -8.090  3.664   1.00 0.00 ? 1 MCY A O2     1 
HETATM 8   N N4     . MCY A 1 1 ? -1.064  -6.186  6.062   1.00 0.00 ? 1 MCY A N4     1 
HETATM 9   C "C1'"  . MCY A 1 1 ? 4.274   -6.901  5.053   1.00 0.00 ? 1 MCY A "C1'"  1 
HETATM 10  C "C2'"  . MCY A 1 1 ? 4.807   -5.619  4.440   1.00 0.00 ? 1 MCY A "C2'"  1 
HETATM 11  C "C3'"  . MCY A 1 1 ? 6.235   -5.502  4.913   1.00 0.00 ? 1 MCY A "C3'"  1 
HETATM 12  C "C4'"  . MCY A 1 1 ? 6.398   -6.604  5.962   1.00 0.00 ? 1 MCY A "C4'"  1 
HETATM 13  O "O4'"  . MCY A 1 1 ? 5.080   -7.144  6.215   1.00 0.00 ? 1 MCY A "O4'"  1 
HETATM 14  O "O3'"  . MCY A 1 1 ? 7.151   -5.674  3.824   1.00 0.00 ? 1 MCY A "O3'"  1 
HETATM 15  C "C5'"  . MCY A 1 1 ? 7.034   -6.059  7.243   1.00 0.00 ? 1 MCY A "C5'"  1 
HETATM 16  O "O5'"  . MCY A 1 1 ? 6.083   -5.357  8.047   1.00 0.00 ? 1 MCY A "O5'"  1 
HETATM 17  C C5A    . MCY A 1 1 ? 0.703   -4.954  7.867   1.00 0.00 ? 1 MCY A C5A    1 
HETATM 18  H H6     . MCY A 1 1 ? 3.194   -5.480  7.061   1.00 0.00 ? 1 MCY A H6     1 
HETATM 19  H HN41   . MCY A 1 1 ? -1.381  -5.561  6.785   1.00 0.00 ? 1 MCY A HN41   1 
HETATM 20  H HN42   . MCY A 1 1 ? -1.732  -6.654  5.466   1.00 0.00 ? 1 MCY A HN42   1 
HETATM 21  H "H1'"  . MCY A 1 1 ? 4.378   -7.730  4.347   1.00 0.00 ? 1 MCY A "H1'"  1 
HETATM 22  H "H2'"  . MCY A 1 1 ? 4.224   -4.765  4.786   1.00 0.00 ? 1 MCY A "H2'"  1 
HETATM 23  H "H2''" . MCY A 1 1 ? 4.776   -5.679  3.355   1.00 0.00 ? 1 MCY A "H2''" 1 
HETATM 24  H "H3'"  . MCY A 1 1 ? 6.384   -4.525  5.382   1.00 0.00 ? 1 MCY A "H3'"  1 
HETATM 25  H "H4'"  . MCY A 1 1 ? 7.029   -7.392  5.557   1.00 0.00 ? 1 MCY A "H4'"  1 
HETATM 26  H "H5'"  . MCY A 1 1 ? 7.448   -6.890  7.820   1.00 0.00 ? 1 MCY A "H5'"  1 
HETATM 27  H "H5''" . MCY A 1 1 ? 7.842   -5.379  6.975   1.00 0.00 ? 1 MCY A "H5''" 1 
HETATM 28  H "HO5'" . MCY A 1 1 ? 6.453   -5.285  8.930   1.00 0.00 ? 1 MCY A "HO5'" 1 
HETATM 29  H H5A1   . MCY A 1 1 ? -0.293  -4.554  7.679   1.00 0.00 ? 1 MCY A H5A1   1 
HETATM 30  H H5A2   . MCY A 1 1 ? 1.404   -4.131  8.011   1.00 0.00 ? 1 MCY A H5A2   1 
HETATM 31  H H5A3   . MCY A 1 1 ? 0.681   -5.573  8.764   1.00 0.00 ? 1 MCY A H5A3   1 
ATOM   32  P P      . DC  A 1 2 ? 8.397   -4.667  3.616   1.00 0.00 ? 2 DC  A P      1 
ATOM   33  O OP1    . DC  A 1 2 ? 8.881   -4.818  2.225   1.00 0.00 ? 2 DC  A OP1    1 
ATOM   34  O OP2    . DC  A 1 2 ? 9.335   -4.856  4.745   1.00 0.00 ? 2 DC  A OP2    1 
ATOM   35  O "O5'"  . DC  A 1 2 ? 7.721   -3.207  3.765   1.00 0.00 ? 2 DC  A "O5'"  1 
ATOM   36  C "C5'"  . DC  A 1 2 ? 7.767   -2.255  2.692   1.00 0.00 ? 2 DC  A "C5'"  1 
ATOM   37  C "C4'"  . DC  A 1 2 ? 6.926   -2.718  1.508   1.00 0.00 ? 2 DC  A "C4'"  1 
ATOM   38  O "O4'"  . DC  A 1 2 ? 5.608   -3.089  1.925   1.00 0.00 ? 2 DC  A "O4'"  1 
ATOM   39  C "C3'"  . DC  A 1 2 ? 6.731   -1.629  0.473   1.00 0.00 ? 2 DC  A "C3'"  1 
ATOM   40  O "O3'"  . DC  A 1 2 ? 7.770   -1.610  -0.514  1.00 0.00 ? 2 DC  A "O3'"  1 
ATOM   41  C "C2'"  . DC  A 1 2 ? 5.398   -1.943  -0.140  1.00 0.00 ? 2 DC  A "C2'"  1 
ATOM   42  C "C1'"  . DC  A 1 2 ? 4.711   -2.901  0.811   1.00 0.00 ? 2 DC  A "C1'"  1 
ATOM   43  N N1     . DC  A 1 2 ? 3.436   -2.351  1.311   1.00 0.00 ? 2 DC  A N1     1 
ATOM   44  C C2     . DC  A 1 2 ? 2.329   -2.354  0.474   1.00 0.00 ? 2 DC  A C2     1 
ATOM   45  O O2     . DC  A 1 2 ? 2.380   -2.862  -0.640  1.00 0.00 ? 2 DC  A O2     1 
ATOM   46  N N3     . DC  A 1 2 ? 1.179   -1.820  0.940   1.00 0.00 ? 2 DC  A N3     1 
ATOM   47  C C4     . DC  A 1 2 ? 1.104   -1.309  2.178   1.00 0.00 ? 2 DC  A C4     1 
ATOM   48  N N4     . DC  A 1 2 ? -0.019  -0.727  2.614   1.00 0.00 ? 2 DC  A N4     1 
ATOM   49  C C5     . DC  A 1 2 ? 2.223   -1.323  3.032   1.00 0.00 ? 2 DC  A C5     1 
ATOM   50  C C6     . DC  A 1 2 ? 3.366   -1.841  2.570   1.00 0.00 ? 2 DC  A C6     1 
ATOM   51  H "H5'"  . DC  A 1 2 ? 8.800   -2.130  2.367   1.00 0.00 ? 2 DC  A "H5'"  1 
ATOM   52  H "H5''" . DC  A 1 2 ? 7.388   -1.296  3.049   1.00 0.00 ? 2 DC  A "H5''" 1 
ATOM   53  H "H4'"  . DC  A 1 2 ? 7.396   -3.574  1.038   1.00 0.00 ? 2 DC  A "H4'"  1 
ATOM   54  H "H3'"  . DC  A 1 2 ? 6.673   -0.663  0.976   1.00 0.00 ? 2 DC  A "H3'"  1 
ATOM   55  H "H2'"  . DC  A 1 2 ? 4.815   -1.041  -0.320  1.00 0.00 ? 2 DC  A "H2'"  1 
ATOM   56  H "H2''" . DC  A 1 2 ? 5.568   -2.469  -1.063  1.00 0.00 ? 2 DC  A "H2''" 1 
ATOM   57  H "H1'"  . DC  A 1 2 ? 4.531   -3.832  0.301   1.00 0.00 ? 2 DC  A "H1'"  1 
ATOM   58  H H41    . DC  A 1 2 ? -0.861  -0.725  2.028   1.00 0.00 ? 2 DC  A H41    1 
ATOM   59  H H42    . DC  A 1 2 ? -0.044  -0.305  3.532   1.00 0.00 ? 2 DC  A H42    1 
ATOM   60  H H5     . DC  A 1 2 ? 2.131   -0.989  4.043   1.00 0.00 ? 2 DC  A H5     1 
ATOM   61  H H6     . DC  A 1 2 ? 4.248   -1.862  3.213   1.00 0.00 ? 2 DC  A H6     1 
ATOM   62  P P      . DT  A 1 3 ? 8.808   -0.377  -0.581  1.00 0.00 ? 3 DT  A P      1 
ATOM   63  O OP1    . DT  A 1 3 ? 9.531   -0.446  -1.871  1.00 0.00 ? 3 DT  A OP1    1 
ATOM   64  O OP2    . DT  A 1 3 ? 9.567   -0.340  0.689   1.00 0.00 ? 3 DT  A OP2    1 
ATOM   65  O "O5'"  . DT  A 1 3 ? 7.829   0.911   -0.616  1.00 0.00 ? 3 DT  A "O5'"  1 
ATOM   66  C "C5'"  . DT  A 1 3 ? 7.201   1.335   -1.837  1.00 0.00 ? 3 DT  A "C5'"  1 
ATOM   67  C "C4'"  . DT  A 1 3 ? 7.199   2.856   -1.972  1.00 0.00 ? 3 DT  A "C4'"  1 
ATOM   68  O "O4'"  . DT  A 1 3 ? 6.290   3.453   -1.020  1.00 0.00 ? 3 DT  A "O4'"  1 
ATOM   69  C "C3'"  . DT  A 1 3 ? 8.586   3.429   -1.737  1.00 0.00 ? 3 DT  A "C3'"  1 
ATOM   70  O "O3'"  . DT  A 1 3 ? 8.968   4.295   -2.817  1.00 0.00 ? 3 DT  A "O3'"  1 
ATOM   71  C "C2'"  . DT  A 1 3 ? 8.483   4.195   -0.446  1.00 0.00 ? 3 DT  A "C2'"  1 
ATOM   72  C "C1'"  . DT  A 1 3 ? 6.999   4.357   -0.154  1.00 0.00 ? 3 DT  A "C1'"  1 
ATOM   73  N N1     . DT  A 1 3 ? 6.653   4.108   1.273   1.00 0.00 ? 3 DT  A N1     1 
ATOM   74  C C2     . DT  A 1 3 ? 5.706   4.947   1.838   1.00 0.00 ? 3 DT  A C2     1 
ATOM   75  O O2     . DT  A 1 3 ? 5.215   5.890   1.218   1.00 0.00 ? 3 DT  A O2     1 
ATOM   76  N N3     . DT  A 1 3 ? 5.350   4.678   3.146   1.00 0.00 ? 3 DT  A N3     1 
ATOM   77  C C4     . DT  A 1 3 ? 5.851   3.657   3.933   1.00 0.00 ? 3 DT  A C4     1 
ATOM   78  O O4     . DT  A 1 3 ? 5.462   3.512   5.090   1.00 0.00 ? 3 DT  A O4     1 
ATOM   79  C C5     . DT  A 1 3 ? 6.834   2.832   3.267   1.00 0.00 ? 3 DT  A C5     1 
ATOM   80  C C7     . DT  A 1 3 ? 7.453   1.655   4.016   1.00 0.00 ? 3 DT  A C7     1 
ATOM   81  C C6     . DT  A 1 3 ? 7.201   3.071   1.992   1.00 0.00 ? 3 DT  A C6     1 
ATOM   82  H "H5'"  . DT  A 1 3 ? 6.168   0.982   -1.853  1.00 0.00 ? 3 DT  A "H5'"  1 
ATOM   83  H "H5''" . DT  A 1 3 ? 7.739   0.903   -2.682  1.00 0.00 ? 3 DT  A "H5''" 1 
ATOM   84  H "H4'"  . DT  A 1 3 ? 6.884   3.123   -2.969  1.00 0.00 ? 3 DT  A "H4'"  1 
ATOM   85  H "H3'"  . DT  A 1 3 ? 9.311   2.619   -1.631  1.00 0.00 ? 3 DT  A "H3'"  1 
ATOM   86  H "H2'"  . DT  A 1 3 ? 8.955   3.629   0.342   1.00 0.00 ? 3 DT  A "H2'"  1 
ATOM   87  H "H2''" . DT  A 1 3 ? 8.957   5.172   -0.547  1.00 0.00 ? 3 DT  A "H2''" 1 
ATOM   88  H "H1'"  . DT  A 1 3 ? 6.709   5.376   -0.408  1.00 0.00 ? 3 DT  A "H1'"  1 
ATOM   89  H H3     . DT  A 1 3 ? 4.649   5.276   3.561   1.00 0.00 ? 3 DT  A H3     1 
ATOM   90  H H71    . DT  A 1 3 ? 6.727   0.845   4.084   1.00 0.00 ? 3 DT  A H71    1 
ATOM   91  H H72    . DT  A 1 3 ? 7.740   1.971   5.019   1.00 0.00 ? 3 DT  A H72    1 
ATOM   92  H H73    . DT  A 1 3 ? 8.336   1.306   3.480   1.00 0.00 ? 3 DT  A H73    1 
ATOM   93  H H6     . DT  A 1 3 ? 7.961   2.440   1.537   1.00 0.00 ? 3 DT  A H6     1 
ATOM   94  P P      . DC  A 1 4 ? 9.120   3.732   -4.322  1.00 0.00 ? 4 DC  A P      1 
ATOM   95  O OP1    . DC  A 1 4 ? 9.485   2.299   -4.248  1.00 0.00 ? 4 DC  A OP1    1 
ATOM   96  O OP2    . DC  A 1 4 ? 9.978   4.670   -5.081  1.00 0.00 ? 4 DC  A OP2    1 
ATOM   97  O "O5'"  . DC  A 1 4 ? 7.617   3.842   -4.901  1.00 0.00 ? 4 DC  A "O5'"  1 
ATOM   98  C "C5'"  . DC  A 1 4 ? 7.283   3.249   -6.164  1.00 0.00 ? 4 DC  A "C5'"  1 
ATOM   99  C "C4'"  . DC  A 1 4 ? 5.782   3.337   -6.476  1.00 0.00 ? 4 DC  A "C4'"  1 
ATOM   100 O "O4'"  . DC  A 1 4 ? 5.010   3.647   -5.292  1.00 0.00 ? 4 DC  A "O4'"  1 
ATOM   101 C "C3'"  . DC  A 1 4 ? 5.484   4.434   -7.507  1.00 0.00 ? 4 DC  A "C3'"  1 
ATOM   102 O "O3'"  . DC  A 1 4 ? 4.897   3.869   -8.688  1.00 0.00 ? 4 DC  A "O3'"  1 
ATOM   103 C "C2'"  . DC  A 1 4 ? 4.500   5.357   -6.825  1.00 0.00 ? 4 DC  A "C2'"  1 
ATOM   104 C "C1'"  . DC  A 1 4 ? 3.955   4.550   -5.671  1.00 0.00 ? 4 DC  A "C1'"  1 
ATOM   105 N N1     . DC  A 1 4 ? 3.532   5.419   -4.553  1.00 0.00 ? 4 DC  A N1     1 
ATOM   106 C C2     . DC  A 1 4 ? 2.168   5.592   -4.371  1.00 0.00 ? 4 DC  A C2     1 
ATOM   107 O O2     . DC  A 1 4 ? 1.366   5.070   -5.147  1.00 0.00 ? 4 DC  A O2     1 
ATOM   108 N N3     . DC  A 1 4 ? 1.753   6.375   -3.342  1.00 0.00 ? 4 DC  A N3     1 
ATOM   109 C C4     . DC  A 1 4 ? 2.630   6.974   -2.529  1.00 0.00 ? 4 DC  A C4     1 
ATOM   110 N N4     . DC  A 1 4 ? 2.175   7.680   -1.495  1.00 0.00 ? 4 DC  A N4     1 
ATOM   111 C C5     . DC  A 1 4 ? 4.037   6.817   -2.721  1.00 0.00 ? 4 DC  A C5     1 
ATOM   112 C C6     . DC  A 1 4 ? 4.442   6.025   -3.734  1.00 0.00 ? 4 DC  A C6     1 
ATOM   113 H "H5'"  . DC  A 1 4 ? 7.578   2.198   -6.146  1.00 0.00 ? 4 DC  A "H5'"  1 
ATOM   114 H "H5''" . DC  A 1 4 ? 7.841   3.756   -6.952  1.00 0.00 ? 4 DC  A "H5''" 1 
ATOM   115 H "H4'"  . DC  A 1 4 ? 5.450   2.378   -6.872  1.00 0.00 ? 4 DC  A "H4'"  1 
ATOM   116 H "H3'"  . DC  A 1 4 ? 6.398   4.979   -7.754  1.00 0.00 ? 4 DC  A "H3'"  1 
ATOM   117 H "H2'"  . DC  A 1 4 ? 5.016   6.244   -6.455  1.00 0.00 ? 4 DC  A "H2'"  1 
ATOM   118 H "H2''" . DC  A 1 4 ? 3.697   5.645   -7.504  1.00 0.00 ? 4 DC  A "H2''" 1 
ATOM   119 H "H1'"  . DC  A 1 4 ? 3.098   3.966   -6.020  1.00 0.00 ? 4 DC  A "H1'"  1 
ATOM   120 H H41    . DC  A 1 4 ? 1.178   7.762   -1.341  1.00 0.00 ? 4 DC  A H41    1 
ATOM   121 H H42    . DC  A 1 4 ? 2.825   8.108   -0.848  1.00 0.00 ? 4 DC  A H42    1 
ATOM   122 H H5     . DC  A 1 4 ? 4.753   7.370   -2.109  1.00 0.00 ? 4 DC  A H5     1 
ATOM   123 H H6     . DC  A 1 4 ? 5.500   5.834   -3.877  1.00 0.00 ? 4 DC  A H6     1 
ATOM   124 P P      . DA  A 1 5 ? 5.735   3.720   -10.055 1.00 0.00 ? 5 DA  A P      1 
ATOM   125 O OP1    . DA  A 1 5 ? 5.469   2.375   -10.615 1.00 0.00 ? 5 DA  A OP1    1 
ATOM   126 O OP2    . DA  A 1 5 ? 7.129   4.149   -9.800  1.00 0.00 ? 5 DA  A OP2    1 
ATOM   127 O "O5'"  . DA  A 1 5 ? 5.039   4.812   -11.015 1.00 0.00 ? 5 DA  A "O5'"  1 
ATOM   128 C "C5'"  . DA  A 1 5 ? 3.670   4.681   -11.427 1.00 0.00 ? 5 DA  A "C5'"  1 
ATOM   129 C "C4'"  . DA  A 1 5 ? 2.708   5.206   -10.346 1.00 0.00 ? 5 DA  A "C4'"  1 
ATOM   130 O "O4'"  . DA  A 1 5 ? 3.255   6.392   -9.732  1.00 0.00 ? 5 DA  A "O4'"  1 
ATOM   131 C "C3'"  . DA  A 1 5 ? 1.310   5.585   -10.893 1.00 0.00 ? 5 DA  A "C3'"  1 
ATOM   132 O "O3'"  . DA  A 1 5 ? 0.282   4.852   -10.217 1.00 0.00 ? 5 DA  A "O3'"  1 
ATOM   133 C "C2'"  . DA  A 1 5 ? 1.160   7.051   -10.584 1.00 0.00 ? 5 DA  A "C2'"  1 
ATOM   134 C "C1'"  . DA  A 1 5 ? 2.188   7.318   -9.504  1.00 0.00 ? 5 DA  A "C1'"  1 
ATOM   135 N N9     . DA  A 1 5 ? 2.675   8.713   -9.499  1.00 0.00 ? 5 DA  A N9     1 
ATOM   136 C C8     . DA  A 1 5 ? 3.018   9.540   -10.520 1.00 0.00 ? 5 DA  A C8     1 
ATOM   137 N N7     . DA  A 1 5 ? 3.417   10.729  -10.211 1.00 0.00 ? 5 DA  A N7     1 
ATOM   138 C C5     . DA  A 1 5 ? 3.335   10.699  -8.816  1.00 0.00 ? 5 DA  A C5     1 
ATOM   139 C C6     . DA  A 1 5 ? 3.618   11.646  -7.826  1.00 0.00 ? 5 DA  A C6     1 
ATOM   140 N N6     . DA  A 1 5 ? 4.057   12.874  -8.098  1.00 0.00 ? 5 DA  A N6     1 
ATOM   141 N N1     . DA  A 1 5 ? 3.429   11.277  -6.546  1.00 0.00 ? 5 DA  A N1     1 
ATOM   142 C C2     . DA  A 1 5 ? 2.986   10.050  -6.256  1.00 0.00 ? 5 DA  A C2     1 
ATOM   143 N N3     . DA  A 1 5 ? 2.688   9.085   -7.110  1.00 0.00 ? 5 DA  A N3     1 
ATOM   144 C C4     . DA  A 1 5 ? 2.887   9.476   -8.381  1.00 0.00 ? 5 DA  A C4     1 
ATOM   145 H "H5'"  . DA  A 1 5 ? 3.456   3.630   -11.620 1.00 0.00 ? 5 DA  A "H5'"  1 
ATOM   146 H "H5''" . DA  A 1 5 ? 3.540   5.248   -12.348 1.00 0.00 ? 5 DA  A "H5''" 1 
ATOM   147 H "H4'"  . DA  A 1 5 ? 2.590   4.441   -9.577  1.00 0.00 ? 5 DA  A "H4'"  1 
ATOM   148 H "H3'"  . DA  A 1 5 ? 1.244   5.422   -11.970 1.00 0.00 ? 5 DA  A "H3'"  1 
ATOM   149 H "H2'"  . DA  A 1 5 ? 1.364   7.643   -11.472 1.00 0.00 ? 5 DA  A "H2'"  1 
ATOM   150 H "H2''" . DA  A 1 5 ? 0.157   7.260   -10.213 1.00 0.00 ? 5 DA  A "H2''" 1 
ATOM   151 H "H1'"  . DA  A 1 5 ? 1.738   7.101   -8.538  1.00 0.00 ? 5 DA  A "H1'"  1 
ATOM   152 H H8     . DA  A 1 5 ? 2.979   9.213   -11.554 1.00 0.00 ? 5 DA  A H8     1 
ATOM   153 H H61    . DA  A 1 5 ? 4.247   13.520  -7.347  1.00 0.00 ? 5 DA  A H61    1 
ATOM   154 H H62    . DA  A 1 5 ? 4.200   13.157  -9.057  1.00 0.00 ? 5 DA  A H62    1 
ATOM   155 H H2     . DA  A 1 5 ? 2.869   9.811   -5.204  1.00 0.00 ? 5 DA  A H2     1 
ATOM   156 P P      . DC  A 1 6 ? -0.201  3.411   -10.740 1.00 0.00 ? 6 DC  A P      1 
ATOM   157 O OP1    . DC  A 1 6 ? 0.665   3.009   -11.872 1.00 0.00 ? 6 DC  A OP1    1 
ATOM   158 O OP2    . DC  A 1 6 ? -1.671  3.449   -10.913 1.00 0.00 ? 6 DC  A OP2    1 
ATOM   159 O "O5'"  . DC  A 1 6 ? 0.136   2.468   -9.481  1.00 0.00 ? 6 DC  A "O5'"  1 
ATOM   160 C "C5'"  . DC  A 1 6 ? 1.203   1.527   -9.563  1.00 0.00 ? 6 DC  A "C5'"  1 
ATOM   161 C "C4'"  . DC  A 1 6 ? 1.783   1.174   -8.197  1.00 0.00 ? 6 DC  A "C4'"  1 
ATOM   162 O "O4'"  . DC  A 1 6 ? 1.650   2.245   -7.223  1.00 0.00 ? 6 DC  A "O4'"  1 
ATOM   163 C "C3'"  . DC  A 1 6 ? 1.083   -0.023  -7.592  1.00 0.00 ? 6 DC  A "C3'"  1 
ATOM   164 O "O3'"  . DC  A 1 6 ? 1.624   -1.272  -8.036  1.00 0.00 ? 6 DC  A "O3'"  1 
ATOM   165 C "C2'"  . DC  A 1 6 ? 1.264   0.165   -6.119  1.00 0.00 ? 6 DC  A "C2'"  1 
ATOM   166 C "C1'"  . DC  A 1 6 ? 1.474   1.649   -5.906  1.00 0.00 ? 6 DC  A "C1'"  1 
ATOM   167 N N1     . DC  A 1 6 ? 0.327   2.220   -5.168  1.00 0.00 ? 6 DC  A N1     1 
ATOM   168 C C2     . DC  A 1 6 ? 0.587   2.748   -3.911  1.00 0.00 ? 6 DC  A C2     1 
ATOM   169 O O2     . DC  A 1 6 ? 1.741   2.789   -3.481  1.00 0.00 ? 6 DC  A O2     1 
ATOM   170 N N3     . DC  A 1 6 ? -0.458  3.206   -3.174  1.00 0.00 ? 6 DC  A N3     1 
ATOM   171 C C4     . DC  A 1 6 ? -1.710  3.152   -3.642  1.00 0.00 ? 6 DC  A C4     1 
ATOM   172 N N4     . DC  A 1 6 ? -2.714  3.541   -2.849  1.00 0.00 ? 6 DC  A N4     1 
ATOM   173 C C5     . DC  A 1 6 ? -1.982  2.616   -4.941  1.00 0.00 ? 6 DC  A C5     1 
ATOM   174 C C6     . DC  A 1 6 ? -0.941  2.164   -5.667  1.00 0.00 ? 6 DC  A C6     1 
ATOM   175 H "H5'"  . DC  A 1 6 ? 1.997   1.948   -10.182 1.00 0.00 ? 6 DC  A "H5'"  1 
ATOM   176 H "H5''" . DC  A 1 6 ? 0.834   0.617   -10.036 1.00 0.00 ? 6 DC  A "H5''" 1 
ATOM   177 H "H4'"  . DC  A 1 6 ? 2.842   0.944   -8.320  1.00 0.00 ? 6 DC  A "H4'"  1 
ATOM   178 H "H3'"  . DC  A 1 6 ? 0.015   0.029   -7.830  1.00 0.00 ? 6 DC  A "H3'"  1 
ATOM   179 H "H2'"  . DC  A 1 6 ? 0.376   -0.175  -5.584  1.00 0.00 ? 6 DC  A "H2'"  1 
ATOM   180 H "H2''" . DC  A 1 6 ? 2.150   -0.376  -5.786  1.00 0.00 ? 6 DC  A "H2''" 1 
ATOM   181 H "H1'"  . DC  A 1 6 ? 2.377   1.798   -5.313  1.00 0.00 ? 6 DC  A "H1'"  1 
ATOM   182 H H41    . DC  A 1 6 ? -2.512  3.946   -1.946  1.00 0.00 ? 6 DC  A H41    1 
ATOM   183 H H42    . DC  A 1 6 ? -3.671  3.452   -3.156  1.00 0.00 ? 6 DC  A H42    1 
ATOM   184 H H5     . DC  A 1 6 ? -2.991  2.596   -5.340  1.00 0.00 ? 6 DC  A H5     1 
ATOM   185 H H6     . DC  A 1 6 ? -1.116  1.745   -6.658  1.00 0.00 ? 6 DC  A H6     1 
ATOM   186 P P      . DT  A 1 7 ? 0.633   -2.511  -8.348  1.00 0.00 ? 7 DT  A P      1 
ATOM   187 O OP1    . DT  A 1 7 ? 1.186   -3.267  -9.494  1.00 0.00 ? 7 DT  A OP1    1 
ATOM   188 O OP2    . DT  A 1 7 ? -0.753  -1.990  -8.413  1.00 0.00 ? 7 DT  A OP2    1 
ATOM   189 O "O5'"  . DT  A 1 7 ? 0.764   -3.426  -7.022  1.00 0.00 ? 7 DT  A "O5'"  1 
ATOM   190 C "C5'"  . DT  A 1 7 ? 1.866   -4.327  -6.865  1.00 0.00 ? 7 DT  A "C5'"  1 
ATOM   191 C "C4'"  . DT  A 1 7 ? 2.845   -3.853  -5.785  1.00 0.00 ? 7 DT  A "C4'"  1 
ATOM   192 O "O4'"  . DT  A 1 7 ? 2.680   -2.455  -5.479  1.00 0.00 ? 7 DT  A "O4'"  1 
ATOM   193 C "C3'"  . DT  A 1 7 ? 2.676   -4.604  -4.471  1.00 0.00 ? 7 DT  A "C3'"  1 
ATOM   194 O "O3'"  . DT  A 1 7 ? 3.534   -5.749  -4.418  1.00 0.00 ? 7 DT  A "O3'"  1 
ATOM   195 C "C2'"  . DT  A 1 7 ? 3.044   -3.600  -3.400  1.00 0.00 ? 7 DT  A "C2'"  1 
ATOM   196 C "C1'"  . DT  A 1 7 ? 2.944   -2.249  -4.069  1.00 0.00 ? 7 DT  A "C1'"  1 
ATOM   197 N N1     . DT  A 1 7 ? 1.888   -1.528  -3.397  1.00 0.00 ? 7 DT  A N1     1 
ATOM   198 C C2     . DT  A 1 7 ? 2.268   -0.814  -2.289  1.00 0.00 ? 7 DT  A C2     1 
ATOM   199 O O2     . DT  A 1 7 ? 3.448   -0.693  -1.956  1.00 0.00 ? 7 DT  A O2     1 
ATOM   200 N N3     . DT  A 1 7 ? 1.269   -0.226  -1.586  1.00 0.00 ? 7 DT  A N3     1 
ATOM   201 C C4     . DT  A 1 7 ? -0.084  -0.255  -1.915  1.00 0.00 ? 7 DT  A C4     1 
ATOM   202 O O4     . DT  A 1 7 ? -0.914  0.321   -1.229  1.00 0.00 ? 7 DT  A O4     1 
ATOM   203 C C5     . DT  A 1 7 ? -0.385  -1.016  -3.106  1.00 0.00 ? 7 DT  A C5     1 
ATOM   204 C C7     . DT  A 1 7 ? -1.816  -1.071  -3.627  1.00 0.00 ? 7 DT  A C7     1 
ATOM   205 C C6     . DT  A 1 7 ? 0.586   -1.634  -3.789  1.00 0.00 ? 7 DT  A C6     1 
ATOM   206 H "H5'"  . DT  A 1 7 ? 2.398   -4.392  -7.815  1.00 0.00 ? 7 DT  A "H5'"  1 
ATOM   207 H "H5''" . DT  A 1 7 ? 1.494   -5.323  -6.608  1.00 0.00 ? 7 DT  A "H5''" 1 
ATOM   208 H "H4'"  . DT  A 1 7 ? 3.860   -4.013  -6.152  1.00 0.00 ? 7 DT  A "H4'"  1 
ATOM   209 H "H3'"  . DT  A 1 7 ? 1.624   -4.890  -4.351  1.00 0.00 ? 7 DT  A "H3'"  1 
ATOM   210 H "H2'"  . DT  A 1 7 ? 2.335   -3.643  -2.535  1.00 0.00 ? 7 DT  A "H2'"  1 
ATOM   211 H "H2''" . DT  A 1 7 ? 4.066   -3.773  -3.058  1.00 0.00 ? 7 DT  A "H2''" 1 
ATOM   212 H "H1'"  . DT  A 1 7 ? 3.873   -1.695  -3.951  1.00 0.00 ? 7 DT  A "H1'"  1 
ATOM   213 H H3     . DT  A 1 7 ? 1.539   0.189   -0.698  1.00 0.00 ? 7 DT  A H3     1 
ATOM   214 H H71    . DT  A 1 7 ? -2.409  -1.731  -2.994  1.00 0.00 ? 7 DT  A H71    1 
ATOM   215 H H72    . DT  A 1 7 ? -1.818  -1.450  -4.650  1.00 0.00 ? 7 DT  A H72    1 
ATOM   216 H H73    . DT  A 1 7 ? -2.244  -0.069  -3.611  1.00 0.00 ? 7 DT  A H73    1 
ATOM   217 H H6     . DT  A 1 7 ? 0.323   -2.303  -4.612  1.00 0.00 ? 7 DT  A H6     1 
ATOM   218 P P      . DC  A 1 8 ? 2.968   -7.199  -4.021  1.00 0.00 ? 8 DC  A P      1 
ATOM   219 O OP1    . DC  A 1 8 ? 2.757   -7.965  -5.270  1.00 0.00 ? 8 DC  A OP1    1 
ATOM   220 O OP2    . DC  A 1 8 ? 1.851   -7.019  -3.070  1.00 0.00 ? 8 DC  A OP2    1 
ATOM   221 O "O5'"  . DC  A 1 8 ? 4.208   -7.861  -3.228  1.00 0.00 ? 8 DC  A "O5'"  1 
ATOM   222 C "C5'"  . DC  A 1 8 ? 5.096   -7.073  -2.420  1.00 0.00 ? 8 DC  A "C5'"  1 
ATOM   223 C "C4'"  . DC  A 1 8 ? 4.755   -7.172  -0.923  1.00 0.00 ? 8 DC  A "C4'"  1 
ATOM   224 O "O4'"  . DC  A 1 8 ? 3.876   -6.115  -0.480  1.00 0.00 ? 8 DC  A "O4'"  1 
ATOM   225 C "C3'"  . DC  A 1 8 ? 4.044   -8.474  -0.574  1.00 0.00 ? 8 DC  A "C3'"  1 
ATOM   226 O "O3'"  . DC  A 1 8 ? 4.975   -9.562  -0.397  1.00 0.00 ? 8 DC  A "O3'"  1 
ATOM   227 C "C2'"  . DC  A 1 8 ? 3.276   -8.121  0.681   1.00 0.00 ? 8 DC  A "C2'"  1 
ATOM   228 C "C1'"  . DC  A 1 8 ? 3.113   -6.603  0.653   1.00 0.00 ? 8 DC  A "C1'"  1 
ATOM   229 N N1     . DC  A 1 8 ? 1.679   -6.252  0.548   1.00 0.00 ? 8 DC  A N1     1 
ATOM   230 C C2     . DC  A 1 8 ? 1.085   -5.603  1.626   1.00 0.00 ? 8 DC  A C2     1 
ATOM   231 O O2     . DC  A 1 8 ? 1.763   -5.234  2.589   1.00 0.00 ? 8 DC  A O2     1 
ATOM   232 N N3     . DC  A 1 8 ? -0.258  -5.378  1.575   1.00 0.00 ? 8 DC  A N3     1 
ATOM   233 C C4     . DC  A 1 8 ? -0.985  -5.760  0.527   1.00 0.00 ? 8 DC  A C4     1 
ATOM   234 N N4     . DC  A 1 8 ? -2.300  -5.562  0.553   1.00 0.00 ? 8 DC  A N4     1 
ATOM   235 C C5     . DC  A 1 8 ? -0.375  -6.411  -0.590  1.00 0.00 ? 8 DC  A C5     1 
ATOM   236 C C6     . DC  A 1 8 ? 0.948   -6.634  -0.537  1.00 0.00 ? 8 DC  A C6     1 
ATOM   237 H "H5'"  . DC  A 1 8 ? 5.051   -6.028  -2.737  1.00 0.00 ? 8 DC  A "H5'"  1 
ATOM   238 H "H5''" . DC  A 1 8 ? 6.116   -7.433  -2.572  1.00 0.00 ? 8 DC  A "H5''" 1 
ATOM   239 H "H4'"  . DC  A 1 8 ? 5.679   -7.113  -0.350  1.00 0.00 ? 8 DC  A "H4'"  1 
ATOM   240 H "H3'"  . DC  A 1 8 ? 3.316   -8.722  -1.361  1.00 0.00 ? 8 DC  A "H3'"  1 
ATOM   241 H "H2'"  . DC  A 1 8 ? 2.302   -8.609  0.665   1.00 0.00 ? 8 DC  A "H2'"  1 
ATOM   242 H "H2''" . DC  A 1 8 ? 3.839   -8.417  1.582   1.00 0.00 ? 8 DC  A "H2''" 1 
ATOM   243 H "H1'"  . DC  A 1 8 ? 3.522   -6.182  1.565   1.00 0.00 ? 8 DC  A "H1'"  1 
ATOM   244 H H41    . DC  A 1 8 ? -2.725  -5.118  1.359   1.00 0.00 ? 8 DC  A H41    1 
ATOM   245 H H42    . DC  A 1 8 ? -2.873  -5.867  -0.219  1.00 0.00 ? 8 DC  A H42    1 
ATOM   246 H H5     . DC  A 1 8 ? -0.959  -6.724  -1.452  1.00 0.00 ? 8 DC  A H5     1 
ATOM   247 H H6     . DC  A 1 8 ? 1.441   -7.121  -1.374  1.00 0.00 ? 8 DC  A H6     1 
ATOM   248 P P      . DC  A 1 9 ? 4.899   -10.586 0.850   1.00 0.00 ? 9 DC  A P      1 
ATOM   249 O OP1    . DC  A 1 9 ? 6.181   -11.322 0.919   1.00 0.00 ? 9 DC  A OP1    1 
ATOM   250 O OP2    . DC  A 1 9 ? 3.626   -11.333 0.756   1.00 0.00 ? 9 DC  A OP2    1 
ATOM   251 O "O5'"  . DC  A 1 9 ? 4.810   -9.606  2.120   1.00 0.00 ? 9 DC  A "O5'"  1 
ATOM   252 C "C5'"  . DC  A 1 9 ? 5.870   -9.528  3.070   1.00 0.00 ? 9 DC  A "C5'"  1 
ATOM   253 C "C4'"  . DC  A 1 9 ? 5.505   -10.240 4.369   1.00 0.00 ? 9 DC  A "C4'"  1 
ATOM   254 O "O4'"  . DC  A 1 9 ? 4.256   -9.748  4.878   1.00 0.00 ? 9 DC  A "O4'"  1 
ATOM   255 C "C3'"  . DC  A 1 9 ? 5.355   -11.744 4.185   1.00 0.00 ? 9 DC  A "C3'"  1 
ATOM   256 O "O3'"  . DC  A 1 9 ? 6.573   -12.434 4.475   1.00 0.00 ? 9 DC  A "O3'"  1 
ATOM   257 C "C2'"  . DC  A 1 9 ? 4.269   -12.123 5.144   1.00 0.00 ? 9 DC  A "C2'"  1 
ATOM   258 C "C1'"  . DC  A 1 9 ? 3.483   -10.845 5.397   1.00 0.00 ? 9 DC  A "C1'"  1 
ATOM   259 N N1     . DC  A 1 9 ? 2.171   -10.908 4.728   1.00 0.00 ? 9 DC  A N1     1 
ATOM   260 C C2     . DC  A 1 9 ? 1.082   -10.386 5.399   1.00 0.00 ? 9 DC  A C2     1 
ATOM   261 O O2     . DC  A 1 9 ? 1.224   -9.882  6.512   1.00 0.00 ? 9 DC  A O2     1 
ATOM   262 N N3     . DC  A 1 9 ? -0.129  -10.437 4.788   1.00 0.00 ? 9 DC  A N3     1 
ATOM   263 C C4     . DC  A 1 9 ? -0.277  -10.974 3.576   1.00 0.00 ? 9 DC  A C4     1 
ATOM   264 N N4     . DC  A 1 9 ? -1.493  -10.995 3.023   1.00 0.00 ? 9 DC  A N4     1 
ATOM   265 C C5     . DC  A 1 9 ? 0.849   -11.517 2.875   1.00 0.00 ? 9 DC  A C5     1 
ATOM   266 C C6     . DC  A 1 9 ? 2.044   -11.462 3.484   1.00 0.00 ? 9 DC  A C6     1 
ATOM   267 H "H5'"  . DC  A 1 9 ? 6.059   -8.479  3.286   1.00 0.00 ? 9 DC  A "H5'"  1 
ATOM   268 H "H5''" . DC  A 1 9 ? 6.773   -9.973  2.649   1.00 0.00 ? 9 DC  A "H5''" 1 
ATOM   269 H "H4'"  . DC  A 1 9 ? 6.272   -10.053 5.113   1.00 0.00 ? 9 DC  A "H4'"  1 
ATOM   270 H "H3'"  . DC  A 1 9 ? 5.017   -11.966 3.165   1.00 0.00 ? 9 DC  A "H3'"  1 
ATOM   271 H "HO3'" . DC  A 1 9 ? 6.400   -13.373 4.377   1.00 0.00 ? 9 DC  A "HO3'" 1 
ATOM   272 H "H2'"  . DC  A 1 9 ? 3.625   -12.888 4.710   1.00 0.00 ? 9 DC  A "H2'"  1 
ATOM   273 H "H2''" . DC  A 1 9 ? 4.706   -12.482 6.075   1.00 0.00 ? 9 DC  A "H2''" 1 
ATOM   274 H "H1'"  . DC  A 1 9 ? 3.347   -10.704 6.462   1.00 0.00 ? 9 DC  A "H1'"  1 
ATOM   275 H H41    . DC  A 1 9 ? -2.285  -10.591 3.524   1.00 0.00 ? 9 DC  A H41    1 
ATOM   276 H H42    . DC  A 1 9 ? -1.627  -11.398 2.106   1.00 0.00 ? 9 DC  A H42    1 
ATOM   277 H H5     . DC  A 1 9 ? 0.748   -11.957 1.886   1.00 0.00 ? 9 DC  A H5     1 
ATOM   278 H H6     . DC  A 1 9 ? 2.923   -11.859 2.976   1.00 0.00 ? 9 DC  A H6     1 
HETATM 279 N N1     . MCY B 1 1 ? -3.982  -7.622  3.004   1.00 0.00 ? 1 MCY B N1     1 
HETATM 280 C C2     . MCY B 1 1 ? -3.092  -7.337  4.009   1.00 0.00 ? 1 MCY B C2     1 
HETATM 281 N N3     . MCY B 1 1 ? -1.790  -7.623  3.792   1.00 0.00 ? 1 MCY B N3     1 
HETATM 282 C C4     . MCY B 1 1 ? -1.374  -8.168  2.639   1.00 0.00 ? 1 MCY B C4     1 
HETATM 283 C C5     . MCY B 1 1 ? -2.262  -8.457  1.663   1.00 0.00 ? 1 MCY B C5     1 
HETATM 284 C C6     . MCY B 1 1 ? -3.561  -8.182  1.845   1.00 0.00 ? 1 MCY B C6     1 
HETATM 285 O O2     . MCY B 1 1 ? -3.479  -6.839  5.065   1.00 0.00 ? 1 MCY B O2     1 
HETATM 286 N N4     . MCY B 1 1 ? -0.074  -8.358  2.450   1.00 0.00 ? 1 MCY B N4     1 
HETATM 287 C "C1'"  . MCY B 1 1 ? -5.384  -7.237  3.213   1.00 0.00 ? 1 MCY B "C1'"  1 
HETATM 288 C "C2'"  . MCY B 1 1 ? -5.725  -6.024  2.368   1.00 0.00 ? 1 MCY B "C2'"  1 
HETATM 289 C "C3'"  . MCY B 1 1 ? -7.158  -6.216  1.936   1.00 0.00 ? 1 MCY B "C3'"  1 
HETATM 290 C "C4'"  . MCY B 1 1 ? -7.514  -7.643  2.360   1.00 0.00 ? 1 MCY B "C4'"  1 
HETATM 291 O "O4'"  . MCY B 1 1 ? -6.286  -8.272  2.792   1.00 0.00 ? 1 MCY B "O4'"  1 
HETATM 292 O "O3'"  . MCY B 1 1 ? -8.015  -5.252  2.563   1.00 0.00 ? 1 MCY B "O3'"  1 
HETATM 293 C "C5'"  . MCY B 1 1 ? -8.163  -8.413  1.209   1.00 0.00 ? 1 MCY B "C5'"  1 
HETATM 294 O "O5'"  . MCY B 1 1 ? -7.191  -8.876  0.268   1.00 0.00 ? 1 MCY B "O5'"  1 
HETATM 295 C C5A    . MCY B 1 1 ? -1.803  -9.127  0.371   1.00 0.00 ? 1 MCY B C5A    1 
HETATM 296 H H6     . MCY B 1 1 ? -4.280  -8.404  1.058   1.00 0.00 ? 1 MCY B H6     1 
HETATM 297 H HN41   . MCY B 1 1 ? 0.265   -8.716  1.571   1.00 0.00 ? 1 MCY B HN41   1 
HETATM 298 H HN42   . MCY B 1 1 ? 0.573   -8.143  3.194   1.00 0.00 ? 1 MCY B HN42   1 
HETATM 299 H "H1'"  . MCY B 1 1 ? -5.537  -7.017  4.272   1.00 0.00 ? 1 MCY B "H1'"  1 
HETATM 300 H "H2'"  . MCY B 1 1 ? -5.072  -5.975  1.495   1.00 0.00 ? 1 MCY B "H2'"  1 
HETATM 301 H "H2''" . MCY B 1 1 ? -5.632  -5.116  2.958   1.00 0.00 ? 1 MCY B "H2''" 1 
HETATM 302 H "H3'"  . MCY B 1 1 ? -7.225  -6.129  0.848   1.00 0.00 ? 1 MCY B "H3'"  1 
HETATM 303 H "H4'"  . MCY B 1 1 ? -8.204  -7.604  3.199   1.00 0.00 ? 1 MCY B "H4'"  1 
HETATM 304 H "H5'"  . MCY B 1 1 ? -8.708  -9.271  1.613   1.00 0.00 ? 1 MCY B "H5'"  1 
HETATM 305 H "H5''" . MCY B 1 1 ? -8.868  -7.759  0.696   1.00 0.00 ? 1 MCY B "H5''" 1 
HETATM 306 H "HO5'" . MCY B 1 1 ? -7.606  -9.562  -0.260  1.00 0.00 ? 1 MCY B "HO5'" 1 
HETATM 307 H H5A1   . MCY B 1 1 ? -0.758  -8.883  0.185   1.00 0.00 ? 1 MCY B H5A1   1 
HETATM 308 H H5A2   . MCY B 1 1 ? -2.412  -8.772  -0.460  1.00 0.00 ? 1 MCY B H5A2   1 
HETATM 309 H H5A3   . MCY B 1 1 ? -1.913  -10.207 0.466   1.00 0.00 ? 1 MCY B H5A3   1 
ATOM   310 P P      . DC  B 1 2 ? -9.109  -4.428  1.707   1.00 0.00 ? 2 DC  B P      1 
ATOM   311 O OP1    . DC  B 1 2 ? -9.509  -3.241  2.496   1.00 0.00 ? 2 DC  B OP1    1 
ATOM   312 O OP2    . DC  B 1 2 ? -10.140 -5.381  1.237   1.00 0.00 ? 2 DC  B OP2    1 
ATOM   313 O "O5'"  . DC  B 1 2 ? -8.268  -3.925  0.421   1.00 0.00 ? 2 DC  B "O5'"  1 
ATOM   314 C "C5'"  . DC  B 1 2 ? -8.140  -2.527  0.121   1.00 0.00 ? 2 DC  B "C5'"  1 
ATOM   315 C "C4'"  . DC  B 1 2 ? -7.282  -1.817  1.163   1.00 0.00 ? 2 DC  B "C4'"  1 
ATOM   316 O "O4'"  . DC  B 1 2 ? -6.045  -2.503  1.365   1.00 0.00 ? 2 DC  B "O4'"  1 
ATOM   317 C "C3'"  . DC  B 1 2 ? -6.903  -0.412  0.740   1.00 0.00 ? 2 DC  B "C3'"  1 
ATOM   318 O "O3'"  . DC  B 1 2 ? -7.869  0.567   1.140   1.00 0.00 ? 2 DC  B "O3'"  1 
ATOM   319 C "C2'"  . DC  B 1 2 ? -5.577  -0.179  1.402   1.00 0.00 ? 2 DC  B "C2'"  1 
ATOM   320 C "C1'"  . DC  B 1 2 ? -5.061  -1.545  1.806   1.00 0.00 ? 2 DC  B "C1'"  1 
ATOM   321 N N1     . DC  B 1 2 ? -3.775  -1.856  1.159   1.00 0.00 ? 2 DC  B N1     1 
ATOM   322 C C2     . DC  B 1 2 ? -2.623  -1.235  1.619   1.00 0.00 ? 2 DC  B C2     1 
ATOM   323 O O2     . DC  B 1 2 ? -2.656  -0.497  2.598   1.00 0.00 ? 2 DC  B O2     1 
ATOM   324 N N3     . DC  B 1 2 ? -1.453  -1.510  0.990   1.00 0.00 ? 2 DC  B N3     1 
ATOM   325 C C4     . DC  B 1 2 ? -1.416  -2.373  -0.047  1.00 0.00 ? 2 DC  B C4     1 
ATOM   326 N N4     . DC  B 1 2 ? -0.280  -2.619  -0.722  1.00 0.00 ? 2 DC  B N4     1 
ATOM   327 C C5     . DC  B 1 2 ? -2.587  -3.009  -0.494  1.00 0.00 ? 2 DC  B C5     1 
ATOM   328 C C6     . DC  B 1 2 ? -3.738  -2.727  0.119   1.00 0.00 ? 2 DC  B C6     1 
ATOM   329 H "H5'"  . DC  B 1 2 ? -9.129  -2.072  0.103   1.00 0.00 ? 2 DC  B "H5'"  1 
ATOM   330 H "H5''" . DC  B 1 2 ? -7.677  -2.415  -0.862  1.00 0.00 ? 2 DC  B "H5''" 1 
ATOM   331 H "H4'"  . DC  B 1 2 ? -7.814  -1.773  2.106   1.00 0.00 ? 2 DC  B "H4'"  1 
ATOM   332 H "H3'"  . DC  B 1 2 ? -6.769  -0.388  -0.342  1.00 0.00 ? 2 DC  B "H3'"  1 
ATOM   333 H "H2'"  . DC  B 1 2 ? -4.888  0.353   0.748   1.00 0.00 ? 2 DC  B "H2'"  1 
ATOM   334 H "H2''" . DC  B 1 2 ? -5.745  0.383   2.304   1.00 0.00 ? 2 DC  B "H2''" 1 
ATOM   335 H "H1'"  . DC  B 1 2 ? -4.946  -1.574  2.876   1.00 0.00 ? 2 DC  B "H1'"  1 
ATOM   336 H H41    . DC  B 1 2 ? 0.602   -2.201  -0.434  1.00 0.00 ? 2 DC  B H41    1 
ATOM   337 H H42    . DC  B 1 2 ? -0.301  -3.238  -1.520  1.00 0.00 ? 2 DC  B H42    1 
ATOM   338 H H5     . DC  B 1 2 ? -2.535  -3.749  -1.265  1.00 0.00 ? 2 DC  B H5     1 
ATOM   339 H H6     . DC  B 1 2 ? -4.660  -3.207  -0.216  1.00 0.00 ? 2 DC  B H6     1 
ATOM   340 P P      . DT  B 1 3 ? -8.754  1.333   0.028   1.00 0.00 ? 3 DT  B P      1 
ATOM   341 O OP1    . DT  B 1 3 ? -9.401  2.500   0.671   1.00 0.00 ? 3 DT  B OP1    1 
ATOM   342 O OP2    . DT  B 1 3 ? -9.579  0.328   -0.678  1.00 0.00 ? 3 DT  B OP2    1 
ATOM   343 O "O5'"  . DT  B 1 3 ? -7.633  1.877   -1.004  1.00 0.00 ? 3 DT  B "O5'"  1 
ATOM   344 C "C5'"  . DT  B 1 3 ? -6.885  3.073   -0.728  1.00 0.00 ? 3 DT  B "C5'"  1 
ATOM   345 C "C4'"  . DT  B 1 3 ? -6.701  3.925   -1.981  1.00 0.00 ? 3 DT  B "C4'"  1 
ATOM   346 O "O4'"  . DT  B 1 3 ? -5.795  3.286   -2.909  1.00 0.00 ? 3 DT  B "O4'"  1 
ATOM   347 C "C3'"  . DT  B 1 3 ? -8.026  4.157   -2.686  1.00 0.00 ? 3 DT  B "C3'"  1 
ATOM   348 O "O3'"  . DT  B 1 3 ? -8.235  5.556   -2.929  1.00 0.00 ? 3 DT  B "O3'"  1 
ATOM   349 C "C2'"  . DT  B 1 3 ? -7.923  3.397   -3.980  1.00 0.00 ? 3 DT  B "C2'"  1 
ATOM   350 C "C1'"  . DT  B 1 3 ? -6.454  3.053   -4.167  1.00 0.00 ? 3 DT  B "C1'"  1 
ATOM   351 N N1     . DT  B 1 3 ? -6.234  1.656   -4.631  1.00 0.00 ? 3 DT  B N1     1 
ATOM   352 C C2     . DT  B 1 3 ? -5.237  1.464   -5.574  1.00 0.00 ? 3 DT  B C2     1 
ATOM   353 O O2     . DT  B 1 3 ? -4.599  2.402   -6.052  1.00 0.00 ? 3 DT  B O2     1 
ATOM   354 N N3     . DT  B 1 3 ? -5.001  0.158   -5.962  1.00 0.00 ? 3 DT  B N3     1 
ATOM   355 C C4     . DT  B 1 3 ? -5.668  -0.961  -5.500  1.00 0.00 ? 3 DT  B C4     1 
ATOM   356 O O4     . DT  B 1 3 ? -5.377  -2.079  -5.919  1.00 0.00 ? 3 DT  B O4     1 
ATOM   357 C C5     . DT  B 1 3 ? -6.694  -0.671  -4.522  1.00 0.00 ? 3 DT  B C5     1 
ATOM   358 C C7     . DT  B 1 3 ? -7.494  -1.820  -3.915  1.00 0.00 ? 3 DT  B C7     1 
ATOM   359 C C6     . DT  B 1 3 ? -6.946  0.593   -4.126  1.00 0.00 ? 3 DT  B C6     1 
ATOM   360 H "H5'"  . DT  B 1 3 ? -5.899  2.801   -0.345  1.00 0.00 ? 3 DT  B "H5'"  1 
ATOM   361 H "H5''" . DT  B 1 3 ? -7.412  3.658   0.026   1.00 0.00 ? 3 DT  B "H5''" 1 
ATOM   362 H "H4'"  . DT  B 1 3 ? -6.291  4.883   -1.701  1.00 0.00 ? 3 DT  B "H4'"  1 
ATOM   363 H "H3'"  . DT  B 1 3 ? -8.843  3.756   -2.083  1.00 0.00 ? 3 DT  B "H3'"  1 
ATOM   364 H "H2'"  . DT  B 1 3 ? -8.509  2.494   -3.910  1.00 0.00 ? 3 DT  B "H2'"  1 
ATOM   365 H "H2''" . DT  B 1 3 ? -8.275  4.013   -4.809  1.00 0.00 ? 3 DT  B "H2''" 1 
ATOM   366 H "H1'"  . DT  B 1 3 ? -6.034  3.734   -4.906  1.00 0.00 ? 3 DT  B "H1'"  1 
ATOM   367 H H3     . DT  B 1 3 ? -4.266  0.007   -6.638  1.00 0.00 ? 3 DT  B H3     1 
ATOM   368 H H71    . DT  B 1 3 ? -6.874  -2.355  -3.195  1.00 0.00 ? 3 DT  B H71    1 
ATOM   369 H H72    . DT  B 1 3 ? -7.807  -2.504  -4.705  1.00 0.00 ? 3 DT  B H72    1 
ATOM   370 H H73    . DT  B 1 3 ? -8.375  -1.422  -3.410  1.00 0.00 ? 3 DT  B H73    1 
ATOM   371 H H6     . DT  B 1 3 ? -7.739  0.769   -3.403  1.00 0.00 ? 3 DT  B H6     1 
ATOM   372 P P      . DC  B 1 4 ? -8.353  6.606   -1.707  1.00 0.00 ? 4 DC  B P      1 
ATOM   373 O OP1    . DC  B 1 4 ? -8.884  5.887   -0.527  1.00 0.00 ? 4 DC  B OP1    1 
ATOM   374 O OP2    . DC  B 1 4 ? -9.044  7.817   -2.204  1.00 0.00 ? 4 DC  B OP2    1 
ATOM   375 O "O5'"  . DC  B 1 4 ? -6.812  6.991   -1.413  1.00 0.00 ? 4 DC  B "O5'"  1 
ATOM   376 C "C5'"  . DC  B 1 4 ? -6.467  7.760   -0.252  1.00 0.00 ? 4 DC  B "C5'"  1 
ATOM   377 C "C4'"  . DC  B 1 4 ? -4.949  7.904   -0.073  1.00 0.00 ? 4 DC  B "C4'"  1 
ATOM   378 O "O4'"  . DC  B 1 4 ? -4.225  6.939   -0.874  1.00 0.00 ? 4 DC  B "O4'"  1 
ATOM   379 C "C3'"  . DC  B 1 4 ? -4.459  9.295   -0.494  1.00 0.00 ? 4 DC  B "C3'"  1 
ATOM   380 O "O3'"  . DC  B 1 4 ? -3.865  9.979   0.618   1.00 0.00 ? 4 DC  B "O3'"  1 
ATOM   381 C "C2'"  . DC  B 1 4 ? -3.423  9.039   -1.565  1.00 0.00 ? 4 DC  B "C2'"  1 
ATOM   382 C "C1'"  . DC  B 1 4 ? -3.051  7.585   -1.397  1.00 0.00 ? 4 DC  B "C1'"  1 
ATOM   383 N N1     . DC  B 1 4 ? -2.605  6.991   -2.675  1.00 0.00 ? 4 DC  B N1     1 
ATOM   384 C C2     . DC  B 1 4 ? -1.247  6.759   -2.823  1.00 0.00 ? 4 DC  B C2     1 
ATOM   385 O O2     . DC  B 1 4 ? -0.460  7.087   -1.931  1.00 0.00 ? 4 DC  B O2     1 
ATOM   386 N N3     . DC  B 1 4 ? -0.814  6.198   -3.981  1.00 0.00 ? 4 DC  B N3     1 
ATOM   387 C C4     . DC  B 1 4 ? -1.669  5.884   -4.961  1.00 0.00 ? 4 DC  B C4     1 
ATOM   388 N N4     . DC  B 1 4 ? -1.207  5.276   -6.054  1.00 0.00 ? 4 DC  B N4     1 
ATOM   389 C C5     . DC  B 1 4 ? -3.068  6.138   -4.825  1.00 0.00 ? 4 DC  B C5     1 
ATOM   390 C C6     . DC  B 1 4 ? -3.493  6.681   -3.666  1.00 0.00 ? 4 DC  B C6     1 
ATOM   391 H "H5'"  . DC  B 1 4 ? -6.881  7.267   0.629   1.00 0.00 ? 4 DC  B "H5'"  1 
ATOM   392 H "H5''" . DC  B 1 4 ? -6.910  8.752   -0.341  1.00 0.00 ? 4 DC  B "H5''" 1 
ATOM   393 H "H4'"  . DC  B 1 4 ? -4.704  7.744   0.977   1.00 0.00 ? 4 DC  B "H4'"  1 
ATOM   394 H "H3'"  . DC  B 1 4 ? -5.287  9.877   -0.906  1.00 0.00 ? 4 DC  B "H3'"  1 
ATOM   395 H "H2'"  . DC  B 1 4 ? -3.856  9.208   -2.551  1.00 0.00 ? 4 DC  B "H2'"  1 
ATOM   396 H "H2''" . DC  B 1 4 ? -2.549  9.678   -1.424  1.00 0.00 ? 4 DC  B "H2''" 1 
ATOM   397 H "H1'"  . DC  B 1 4 ? -2.246  7.508   -0.661  1.00 0.00 ? 4 DC  B "H1'"  1 
ATOM   398 H H41    . DC  B 1 4 ? -0.221  5.069   -6.133  1.00 0.00 ? 4 DC  B H41    1 
ATOM   399 H H42    . DC  B 1 4 ? -1.846  4.999   -6.787  1.00 0.00 ? 4 DC  B H42    1 
ATOM   400 H H5     . DC  B 1 4 ? -3.756  5.958   -5.655  1.00 0.00 ? 4 DC  B H5     1 
ATOM   401 H H6     . DC  B 1 4 ? -4.554  6.836   -3.503  1.00 0.00 ? 4 DC  B H6     1 
ATOM   402 P P      . DA  B 1 5 ? -4.624  11.188  1.365   1.00 0.00 ? 5 DA  B P      1 
ATOM   403 O OP1    . DA  B 1 5 ? -4.479  10.991  2.825   1.00 0.00 ? 5 DA  B OP1    1 
ATOM   404 O OP2    . DA  B 1 5 ? -5.973  11.333  0.771   1.00 0.00 ? 5 DA  B OP2    1 
ATOM   405 O "O5'"  . DA  B 1 5 ? -3.745  12.470  0.940   1.00 0.00 ? 5 DA  B "O5'"  1 
ATOM   406 C "C5'"  . DA  B 1 5 ? -2.376  12.608  1.350   1.00 0.00 ? 5 DA  B "C5'"  1 
ATOM   407 C "C4'"  . DA  B 1 5 ? -1.433  11.815  0.427   1.00 0.00 ? 5 DA  B "C4'"  1 
ATOM   408 O "O4'"  . DA  B 1 5 ? -1.879  11.920  -0.942  1.00 0.00 ? 5 DA  B "O4'"  1 
ATOM   409 C "C3'"  . DA  B 1 5 ? 0.032   12.314  0.463   1.00 0.00 ? 5 DA  B "C3'"  1 
ATOM   410 O "O3'"  . DA  B 1 5 ? 0.923   11.257  0.836   1.00 0.00 ? 5 DA  B "O3'"  1 
ATOM   411 C "C2'"  . DA  B 1 5 ? 0.329   12.742  -0.950  1.00 0.00 ? 5 DA  B "C2'"  1 
ATOM   412 C "C1'"  . DA  B 1 5 ? -0.729  12.049  -1.784  1.00 0.00 ? 5 DA  B "C1'"  1 
ATOM   413 N N9     . DA  B 1 5 ? -1.053  12.776  -3.029  1.00 0.00 ? 5 DA  B N9     1 
ATOM   414 C C8     . DA  B 1 5 ? -1.231  14.101  -3.267  1.00 0.00 ? 5 DA  B C8     1 
ATOM   415 N N7     . DA  B 1 5 ? -1.511  14.456  -4.477  1.00 0.00 ? 5 DA  B N7     1 
ATOM   416 C C5     . DA  B 1 5 ? -1.525  13.222  -5.133  1.00 0.00 ? 5 DA  B C5     1 
ATOM   417 C C6     . DA  B 1 5 ? -1.762  12.855  -6.462  1.00 0.00 ? 5 DA  B C6     1 
ATOM   418 N N6     . DA  B 1 5 ? -2.039  13.736  -7.423  1.00 0.00 ? 5 DA  B N6     1 
ATOM   419 N N1     . DA  B 1 5 ? -1.700  11.544  -6.762  1.00 0.00 ? 5 DA  B N1     1 
ATOM   420 C C2     . DA  B 1 5 ? -1.421  10.648  -5.811  1.00 0.00 ? 5 DA  B C2     1 
ATOM   421 N N3     . DA  B 1 5 ? -1.180  10.887  -4.532  1.00 0.00 ? 5 DA  B N3     1 
ATOM   422 C C4     . DA  B 1 5 ? -1.249  12.202  -4.258  1.00 0.00 ? 5 DA  B C4     1 
ATOM   423 H "H5'"  . DA  B 1 5 ? -2.272  12.241  2.373   1.00 0.00 ? 5 DA  B "H5'"  1 
ATOM   424 H "H5''" . DA  B 1 5 ? -2.121  13.667  1.323   1.00 0.00 ? 5 DA  B "H5''" 1 
ATOM   425 H "H4'"  . DA  B 1 5 ? -1.454  10.765  0.719   1.00 0.00 ? 5 DA  B "H4'"  1 
ATOM   426 H "H3'"  . DA  B 1 5 ? 0.150   13.162  1.140   1.00 0.00 ? 5 DA  B "H3'"  1 
ATOM   427 H "H2'"  . DA  B 1 5 ? 0.253   13.821  -1.040  1.00 0.00 ? 5 DA  B "H2'"  1 
ATOM   428 H "H2''" . DA  B 1 5 ? 1.323   12.406  -1.247  1.00 0.00 ? 5 DA  B "H2''" 1 
ATOM   429 H "H1'"  . DA  B 1 5 ? -0.372  11.056  -2.043  1.00 0.00 ? 5 DA  B "H1'"  1 
ATOM   430 H H8     . DA  B 1 5 ? -1.162  14.836  -2.470  1.00 0.00 ? 5 DA  B H8     1 
ATOM   431 H H61    . DA  B 1 5 ? -2.201  13.419  -8.367  1.00 0.00 ? 5 DA  B H61    1 
ATOM   432 H H62    . DA  B 1 5 ? -2.086  14.721  -7.205  1.00 0.00 ? 5 DA  B H62    1 
ATOM   433 H H2     . DA  B 1 5 ? -1.401  9.606   -6.115  1.00 0.00 ? 5 DA  B H2     1 
ATOM   434 P P      . DC  B 1 6 ? 1.272   10.957  2.375   1.00 0.00 ? 6 DC  B P      1 
ATOM   435 O OP1    . DC  B 1 6 ? 0.440   11.843  3.223   1.00 0.00 ? 6 DC  B OP1    1 
ATOM   436 O OP2    . DC  B 1 6 ? 2.743   10.959  2.528   1.00 0.00 ? 6 DC  B OP2    1 
ATOM   437 O "O5'"  . DC  B 1 6 ? 0.746   9.446   2.550   1.00 0.00 ? 6 DC  B "O5'"  1 
ATOM   438 C "C5'"  . DC  B 1 6 ? -0.416  9.183   3.333   1.00 0.00 ? 6 DC  B "C5'"  1 
ATOM   439 C "C4'"  . DC  B 1 6 ? -1.118  7.891   2.926   1.00 0.00 ? 6 DC  B "C4'"  1 
ATOM   440 O "O4'"  . DC  B 1 6 ? -0.928  7.553   1.526   1.00 0.00 ? 6 DC  B "O4'"  1 
ATOM   441 C "C3'"  . DC  B 1 6 ? -0.600  6.706   3.712   1.00 0.00 ? 6 DC  B "C3'"  1 
ATOM   442 O "O3'"  . DC  B 1 6 ? -1.251  6.543   4.977   1.00 0.00 ? 6 DC  B "O3'"  1 
ATOM   443 C "C2'"  . DC  B 1 6 ? -0.853  5.542   2.806   1.00 0.00 ? 6 DC  B "C2'"  1 
ATOM   444 C "C1'"  . DC  B 1 6 ? -0.908  6.103   1.400   1.00 0.00 ? 6 DC  B "C1'"  1 
ATOM   445 N N1     . DC  B 1 6 ? 0.244   5.608   0.617   1.00 0.00 ? 6 DC  B N1     1 
ATOM   446 C C2     . DC  B 1 6 ? -0.037  4.800   -0.475  1.00 0.00 ? 6 DC  B C2     1 
ATOM   447 O O2     . DC  B 1 6 ? -1.204  4.580   -0.799  1.00 0.00 ? 6 DC  B O2     1 
ATOM   448 N N3     . DC  B 1 6 ? 1.002   4.260   -1.164  1.00 0.00 ? 6 DC  B N3     1 
ATOM   449 C C4     . DC  B 1 6 ? 2.268   4.498   -0.804  1.00 0.00 ? 6 DC  B C4     1 
ATOM   450 N N4     . DC  B 1 6 ? 3.255   3.881   -1.463  1.00 0.00 ? 6 DC  B N4     1 
ATOM   451 C C5     . DC  B 1 6 ? 2.564   5.339   0.316   1.00 0.00 ? 6 DC  B C5     1 
ATOM   452 C C6     . DC  B 1 6 ? 1.529   5.871   0.995   1.00 0.00 ? 6 DC  B C6     1 
ATOM   453 H "H5'"  . DC  B 1 6 ? -1.114  10.012  3.218   1.00 0.00 ? 6 DC  B "H5'"  1 
ATOM   454 H "H5''" . DC  B 1 6 ? -0.124  9.112   4.382   1.00 0.00 ? 6 DC  B "H5''" 1 
ATOM   455 H "H4'"  . DC  B 1 6 ? -2.187  8.005   3.114   1.00 0.00 ? 6 DC  B "H4'"  1 
ATOM   456 H "H3'"  . DC  B 1 6 ? 0.481   6.817   3.857   1.00 0.00 ? 6 DC  B "H3'"  1 
ATOM   457 H "H2'"  . DC  B 1 6 ? -0.047  4.814   2.896   1.00 0.00 ? 6 DC  B "H2'"  1 
ATOM   458 H "H2''" . DC  B 1 6 ? -1.815  5.092   3.051   1.00 0.00 ? 6 DC  B "H2''" 1 
ATOM   459 H "H1'"  . DC  B 1 6 ? -1.826  5.765   0.918   1.00 0.00 ? 6 DC  B "H1'"  1 
ATOM   460 H H41    . DC  B 1 6 ? 3.039   3.311   -2.271  1.00 0.00 ? 6 DC  B H41    1 
ATOM   461 H H42    . DC  B 1 6 ? 4.213   3.995   -1.174  1.00 0.00 ? 6 DC  B H42    1 
ATOM   462 H H5     . DC  B 1 6 ? 3.589   5.564   0.594   1.00 0.00 ? 6 DC  B H5     1 
ATOM   463 H H6     . DC  B 1 6 ? 1.721   6.512   1.855   1.00 0.00 ? 6 DC  B H6     1 
ATOM   464 P P      . DT  B 1 7 ? -0.391  6.101   6.273   1.00 0.00 ? 7 DT  B P      1 
ATOM   465 O OP1    . DT  B 1 7 ? -0.951  6.792   7.457   1.00 0.00 ? 7 DT  B OP1    1 
ATOM   466 O OP2    . DT  B 1 7 ? 1.046   6.249   5.948   1.00 0.00 ? 7 DT  B OP2    1 
ATOM   467 O "O5'"  . DT  B 1 7 ? -0.713  4.521   6.407   1.00 0.00 ? 7 DT  B "O5'"  1 
ATOM   468 C "C5'"  . DT  B 1 7 ? -1.920  4.072   7.035   1.00 0.00 ? 7 DT  B "C5'"  1 
ATOM   469 C "C4'"  . DT  B 1 7 ? -2.909  3.484   6.022   1.00 0.00 ? 7 DT  B "C4'"  1 
ATOM   470 O "O4'"  . DT  B 1 7 ? -2.608  3.889   4.673   1.00 0.00 ? 7 DT  B "O4'"  1 
ATOM   471 C "C3'"  . DT  B 1 7 ? -2.911  1.959   6.023   1.00 0.00 ? 7 DT  B "C3'"  1 
ATOM   472 O "O3'"  . DT  B 1 7 ? -3.898  1.448   6.926   1.00 0.00 ? 7 DT  B "O3'"  1 
ATOM   473 C "C2'"  . DT  B 1 7 ? -3.232  1.571   4.596   1.00 0.00 ? 7 DT  B "C2'"  1 
ATOM   474 C "C1'"  . DT  B 1 7 ? -2.938  2.803   3.772   1.00 0.00 ? 7 DT  B "C1'"  1 
ATOM   475 N N1     . DT  B 1 7 ? -1.852  2.458   2.883   1.00 0.00 ? 7 DT  B N1     1 
ATOM   476 C C2     . DT  B 1 7 ? -2.219  1.898   1.683   1.00 0.00 ? 7 DT  B C2     1 
ATOM   477 O O2     . DT  B 1 7 ? -3.394  1.817   1.326   1.00 0.00 ? 7 DT  B O2     1 
ATOM   478 N N3     . DT  B 1 7 ? -1.203  1.462   0.891   1.00 0.00 ? 7 DT  B N3     1 
ATOM   479 C C4     . DT  B 1 7 ? 0.153   1.577   1.182   1.00 0.00 ? 7 DT  B C4     1 
ATOM   480 O O4     . DT  B 1 7 ? 0.997   1.191   0.398   1.00 0.00 ? 7 DT  B O4     1 
ATOM   481 C C5     . DT  B 1 7 ? 0.440   2.192   2.453   1.00 0.00 ? 7 DT  B C5     1 
ATOM   482 C C7     . DT  B 1 7 ? 1.888   2.446   2.855   1.00 0.00 ? 7 DT  B C7     1 
ATOM   483 C C6     . DT  B 1 7 ? -0.549  2.591   3.261   1.00 0.00 ? 7 DT  B C6     1 
ATOM   484 H "H5'"  . DT  B 1 7 ? -2.391  4.924   7.529   1.00 0.00 ? 7 DT  B "H5'"  1 
ATOM   485 H "H5''" . DT  B 1 7 ? -1.683  3.320   7.794   1.00 0.00 ? 7 DT  B "H5''" 1 
ATOM   486 H "H4'"  . DT  B 1 7 ? -3.908  3.835   6.279   1.00 0.00 ? 7 DT  B "H4'"  1 
ATOM   487 H "H3'"  . DT  B 1 7 ? -1.910  1.595   6.281   1.00 0.00 ? 7 DT  B "H3'"  1 
ATOM   488 H "H2'"  . DT  B 1 7 ? -2.589  0.723   4.245   1.00 0.00 ? 7 DT  B "H2'"  1 
ATOM   489 H "H2''" . DT  B 1 7 ? -4.286  1.304   4.507   1.00 0.00 ? 7 DT  B "H2''" 1 
ATOM   490 H "H1'"  . DT  B 1 7 ? -3.803  3.079   3.173   1.00 0.00 ? 7 DT  B "H1'"  1 
ATOM   491 H H3     . DT  B 1 7 ? -1.477  0.916   0.069   1.00 0.00 ? 7 DT  B H3     1 
ATOM   492 H H71    . DT  B 1 7 ? 2.352   1.505   3.153   1.00 0.00 ? 7 DT  B H71    1 
ATOM   493 H H72    . DT  B 1 7 ? 1.919   3.147   3.689   1.00 0.00 ? 7 DT  B H72    1 
ATOM   494 H H73    . DT  B 1 7 ? 2.428   2.866   2.008   1.00 0.00 ? 7 DT  B H73    1 
ATOM   495 H H6     . DT  B 1 7 ? -0.311  2.939   4.269   1.00 0.00 ? 7 DT  B H6     1 
ATOM   496 P P      . DC  B 1 8 ? -3.527  0.341   8.031   1.00 0.00 ? 8 DC  B P      1 
ATOM   497 O OP1    . DC  B 1 8 ? -3.329  1.035   9.323   1.00 0.00 ? 8 DC  B OP1    1 
ATOM   498 O OP2    . DC  B 1 8 ? -2.457  -0.521  7.486   1.00 0.00 ? 8 DC  B OP2    1 
ATOM   499 O "O5'"  . DC  B 1 8 ? -4.880  -0.530  8.129   1.00 0.00 ? 8 DC  B "O5'"  1 
ATOM   500 C "C5'"  . DC  B 1 8 ? -5.724  -0.747  6.986   1.00 0.00 ? 8 DC  B "C5'"  1 
ATOM   501 C "C4'"  . DC  B 1 8 ? -5.497  -2.134  6.358   1.00 0.00 ? 8 DC  B "C4'"  1 
ATOM   502 O "O4'"  . DC  B 1 8 ? -4.535  -2.107  5.282   1.00 0.00 ? 8 DC  B "O4'"  1 
ATOM   503 C "C3'"  . DC  B 1 8 ? -4.965  -3.147  7.362   1.00 0.00 ? 8 DC  B "C3'"  1 
ATOM   504 O "O3'"  . DC  B 1 8 ? -6.024  -3.719  8.159   1.00 0.00 ? 8 DC  B "O3'"  1 
ATOM   505 C "C2'"  . DC  B 1 8 ? -4.249  -4.154  6.491   1.00 0.00 ? 8 DC  B "C2'"  1 
ATOM   506 C "C1'"  . DC  B 1 8 ? -3.911  -3.415  5.199   1.00 0.00 ? 8 DC  B "C1'"  1 
ATOM   507 N N1     . DC  B 1 8 ? -2.442  -3.319  5.040   1.00 0.00 ? 8 DC  B N1     1 
ATOM   508 C C2     . DC  B 1 8 ? -1.849  -4.015  3.991   1.00 0.00 ? 8 DC  B C2     1 
ATOM   509 O O2     . DC  B 1 8 ? -2.542  -4.594  3.150   1.00 0.00 ? 8 DC  B O2     1 
ATOM   510 N N3     . DC  B 1 8 ? -0.487  -4.017  3.913   1.00 0.00 ? 8 DC  B N3     1 
ATOM   511 C C4     . DC  B 1 8 ? 0.257   -3.371  4.807   1.00 0.00 ? 8 DC  B C4     1 
ATOM   512 N N4     . DC  B 1 8 ? 1.582   -3.449  4.715   1.00 0.00 ? 8 DC  B N4     1 
ATOM   513 C C5     . DC  B 1 8 ? -0.349  -2.640  5.877   1.00 0.00 ? 8 DC  B C5     1 
ATOM   514 C C6     . DC  B 1 8 ? -1.688  -2.641  5.952   1.00 0.00 ? 8 DC  B C6     1 
ATOM   515 H "H5'"  . DC  B 1 8 ? -5.537  0.028   6.239   1.00 0.00 ? 8 DC  B "H5'"  1 
ATOM   516 H "H5''" . DC  B 1 8 ? -6.767  -0.672  7.303   1.00 0.00 ? 8 DC  B "H5''" 1 
ATOM   517 H "H4'"  . DC  B 1 8 ? -6.445  -2.497  5.963   1.00 0.00 ? 8 DC  B "H4'"  1 
ATOM   518 H "H3'"  . DC  B 1 8 ? -4.220  -2.668  8.014   1.00 0.00 ? 8 DC  B "H3'"  1 
ATOM   519 H "H2'"  . DC  B 1 8 ? -3.339  -4.489  6.987   1.00 0.00 ? 8 DC  B "H2'"  1 
ATOM   520 H "H2''" . DC  B 1 8 ? -4.902  -5.014  6.266   1.00 0.00 ? 8 DC  B "H2''" 1 
ATOM   521 H "H1'"  . DC  B 1 8 ? -4.329  -3.955  4.357   1.00 0.00 ? 8 DC  B "H1'"  1 
ATOM   522 H H41    . DC  B 1 8 ? 2.001   -3.984  3.964   1.00 0.00 ? 8 DC  B H41    1 
ATOM   523 H H42    . DC  B 1 8 ? 2.165   -2.990  5.398   1.00 0.00 ? 8 DC  B H42    1 
ATOM   524 H H5     . DC  B 1 8 ? 0.251   -2.106  6.610   1.00 0.00 ? 8 DC  B H5     1 
ATOM   525 H H6     . DC  B 1 8 ? -2.178  -2.089  6.750   1.00 0.00 ? 8 DC  B H6     1 
ATOM   526 P P      . DC  B 1 9 ? -6.153  -5.305  8.436   1.00 0.00 ? 9 DC  B P      1 
ATOM   527 O OP1    . DC  B 1 9 ? -7.513  -5.574  8.954   1.00 0.00 ? 9 DC  B OP1    1 
ATOM   528 O OP2    . DC  B 1 9 ? -4.970  -5.733  9.219   1.00 0.00 ? 9 DC  B OP2    1 
ATOM   529 O "O5'"  . DC  B 1 9 ? -6.033  -5.942  6.967   1.00 0.00 ? 9 DC  B "O5'"  1 
ATOM   530 C "C5'"  . DC  B 1 9 ? -7.138  -6.606  6.357   1.00 0.00 ? 9 DC  B "C5'"  1 
ATOM   531 C "C4'"  . DC  B 1 9 ? -6.941  -8.120  6.356   1.00 0.00 ? 9 DC  B "C4'"  1 
ATOM   532 O "O4'"  . DC  B 1 9 ? -5.681  -8.465  5.763   1.00 0.00 ? 9 DC  B "O4'"  1 
ATOM   533 C "C3'"  . DC  B 1 9 ? -6.952  -8.707  7.761   1.00 0.00 ? 9 DC  B "C3'"  1 
ATOM   534 O "O3'"  . DC  B 1 9 ? -8.259  -9.153  8.136   1.00 0.00 ? 9 DC  B "O3'"  1 
ATOM   535 C "C2'"  . DC  B 1 9 ? -5.983  -9.846  7.690   1.00 0.00 ? 9 DC  B "C2'"  1 
ATOM   536 C "C1'"  . DC  B 1 9 ? -5.076  -9.536  6.509   1.00 0.00 ? 9 DC  B "C1'"  1 
ATOM   537 N N1     . DC  B 1 9 ? -3.737  -9.136  6.982   1.00 0.00 ? 9 DC  B N1     1 
ATOM   538 C C2     . DC  B 1 9 ? -2.643  -9.591  6.273   1.00 0.00 ? 9 DC  B C2     1 
ATOM   539 O O2     . DC  B 1 9 ? -2.799  -10.297 5.278   1.00 0.00 ? 9 DC  B O2     1 
ATOM   540 N N3     . DC  B 1 9 ? -1.406  -9.227  6.701   1.00 0.00 ? 9 DC  B N3     1 
ATOM   541 C C4     . DC  B 1 9 ? -1.241  -8.451  7.774   1.00 0.00 ? 9 DC  B C4     1 
ATOM   542 N N4     . DC  B 1 9 ? -0.001  -8.121  8.147   1.00 0.00 ? 9 DC  B N4     1 
ATOM   543 C C5     . DC  B 1 9 ? -2.373  -7.976  8.513   1.00 0.00 ? 9 DC  B C5     1 
ATOM   544 C C6     . DC  B 1 9 ? -3.592  -8.340  8.084   1.00 0.00 ? 9 DC  B C6     1 
ATOM   545 H "H5'"  . DC  B 1 9 ? -7.219  -6.263  5.328   1.00 0.00 ? 9 DC  B "H5'"  1 
ATOM   546 H "H5''" . DC  B 1 9 ? -8.056  -6.356  6.888   1.00 0.00 ? 9 DC  B "H5''" 1 
ATOM   547 H "H4'"  . DC  B 1 9 ? -7.730  -8.588  5.776   1.00 0.00 ? 9 DC  B "H4'"  1 
ATOM   548 H "H3'"  . DC  B 1 9 ? -6.576  -7.969  8.481   1.00 0.00 ? 9 DC  B "H3'"  1 
ATOM   549 H "H2'"  . DC  B 1 9 ? -5.404  -9.913  8.611   1.00 0.00 ? 9 DC  B "H2'"  1 
ATOM   550 H "H2''" . DC  B 1 9 ? -6.520  -10.777 7.514   1.00 0.00 ? 9 DC  B "H2''" 1 
ATOM   551 H "H1'"  . DC  B 1 9 ? -4.995  -10.407 5.870   1.00 0.00 ? 9 DC  B "H1'"  1 
ATOM   552 H H41    . DC  B 1 9 ? 0.797   -8.451  7.603   1.00 0.00 ? 9 DC  B H41    1 
ATOM   553 H H42    . DC  B 1 9 ? 0.146   -7.535  8.957   1.00 0.00 ? 9 DC  B H42    1 
ATOM   554 H H5     . DC  B 1 9 ? -2.257  -7.342  9.389   1.00 0.00 ? 9 DC  B H5     1 
ATOM   555 H H6     . DC  B 1 9 ? -4.474  -7.990  8.619   1.00 0.00 ? 9 DC  B H6     1 
# 
